data_7T7B
#
_entry.id   7T7B
#
_cell.length_a   85.026
_cell.length_b   85.026
_cell.length_c   214.988
_cell.angle_alpha   90.000
_cell.angle_beta   90.000
_cell.angle_gamma   90.000
#
_symmetry.space_group_name_H-M   'P 43 21 2'
#
loop_
_entity.id
_entity.type
_entity.pdbx_description
1 polymer 'Spike protein S1'
2 polymer 'ADI-62113 Fab heavy chain'
3 polymer 'ADI-62113 Fab light chain'
4 branched 2-acetamido-2-deoxy-beta-D-glucopyranose-(1-4)-[alpha-L-fucopyranose-(1-6)]2-acetamido-2-deoxy-beta-D-glucopyranose
5 water water
#
loop_
_entity_poly.entity_id
_entity_poly.type
_entity_poly.pdbx_seq_one_letter_code
_entity_poly.pdbx_strand_id
1 'polypeptide(L)'
;TNLCPFGEVFNATRFASVYAWNRKRISNCVADYSVLYNSASFSTFKCYGVSPTKLNDLCFTNVYADSFVIRGDEVRQIAP
GQTGKIADYNYKLPDDFTGCVIAWNSNNLDSKVGGNYNYLYRLFRKSNLKPFERDISTEIYQAGSTPCNGVEGFNCYFPL
QSYGFQPTNGVGYQPYRVVVLSFELLHAPATVCGPKKSGHHHHHH
;
A
2 'polypeptide(L)'
;QVQLQQSGAEVKKPGASVKLSCKASGYTFSVFPIHWVRQAPGQRLEWMGWHNAGDGDTKYSQKFQGRVTIISDTSASTAY
MELSSLKSEDTAVYYCARAARPYYDRRGYFFRADYFQHWGQGTLVTVSSASTKGPSVFPLAPSSKSTSGGTAALGCLVKD
YFPEPVTVSWNSGALTSGVHTFPAVLQSSGLYSLSSVVTVPSSSLGTQTYICNVNHKPSNTKVDKRVEPKSC
;
H
3 'polypeptide(L)'
;DIQVTQSPSSLSASVGDRVTITCQASQDIKNSLNWYQQKPGKAPKLLISDASNLETGVPSRFSGNGSGTDFTFTISSLQP
EDIATYYCQQYDNLITFGPGTKVEIKRTVAAPSVFIFPPSDEQLKSGTASVVCLLNNFYPREAKVQWKVDNALQSGNSQE
SVTEQDSKDSTYSLSSTLTLSKADYEKHKVYACEVTHQGLSSPVTKSFNRGECS
;
L
#
loop_
_chem_comp.id
_chem_comp.type
_chem_comp.name
_chem_comp.formula
FUC L-saccharide, alpha linking alpha-L-fucopyranose 'C6 H12 O5'
NAG D-saccharide, beta linking 2-acetamido-2-deoxy-beta-D-glucopyranose 'C8 H15 N O6'
#
# COMPACT_ATOMS: atom_id res chain seq x y z
N ASN A 2 -34.39 7.52 38.13
CA ASN A 2 -33.54 8.69 38.36
C ASN A 2 -32.10 8.41 37.93
N LEU A 3 -31.59 7.25 38.33
CA LEU A 3 -30.25 6.81 37.94
C LEU A 3 -30.37 5.89 36.72
N CYS A 4 -29.54 6.15 35.72
CA CYS A 4 -29.64 5.40 34.47
C CYS A 4 -29.18 3.95 34.67
N PRO A 5 -29.81 3.00 33.97
CA PRO A 5 -29.56 1.57 34.20
C PRO A 5 -28.33 1.05 33.48
N PHE A 6 -27.16 1.61 33.81
CA PHE A 6 -25.93 1.15 33.20
C PHE A 6 -25.54 -0.23 33.71
N GLY A 7 -25.84 -0.54 34.98
CA GLY A 7 -25.46 -1.83 35.54
C GLY A 7 -26.18 -2.99 34.90
N GLU A 8 -27.39 -2.75 34.36
CA GLU A 8 -28.10 -3.80 33.64
C GLU A 8 -27.35 -4.22 32.39
N VAL A 9 -26.54 -3.33 31.83
CA VAL A 9 -25.82 -3.61 30.60
C VAL A 9 -24.42 -4.17 30.88
N PHE A 10 -23.64 -3.47 31.71
CA PHE A 10 -22.26 -3.86 31.93
C PHE A 10 -22.16 -5.13 32.77
N ASN A 11 -23.03 -5.28 33.76
CA ASN A 11 -22.94 -6.36 34.73
C ASN A 11 -24.00 -7.44 34.50
N ALA A 12 -24.46 -7.60 33.26
CA ALA A 12 -25.42 -8.64 32.94
C ALA A 12 -24.76 -10.02 32.95
N THR A 13 -25.58 -11.05 33.16
CA THR A 13 -25.03 -12.38 33.38
C THR A 13 -24.37 -12.92 32.11
N ARG A 14 -25.00 -12.78 30.96
CA ARG A 14 -24.26 -12.90 29.71
C ARG A 14 -24.79 -11.90 28.71
N PHE A 15 -23.93 -11.62 27.74
CA PHE A 15 -24.13 -10.64 26.69
C PHE A 15 -24.73 -11.29 25.46
N ALA A 16 -25.12 -10.47 24.50
CA ALA A 16 -25.66 -10.99 23.25
C ALA A 16 -24.53 -11.35 22.29
N SER A 17 -24.88 -12.14 21.28
CA SER A 17 -23.95 -12.40 20.19
C SER A 17 -23.88 -11.19 19.28
N VAL A 18 -22.79 -11.11 18.50
CA VAL A 18 -22.54 -9.92 17.69
C VAL A 18 -23.67 -9.71 16.68
N TYR A 19 -24.06 -10.78 15.99
CA TYR A 19 -25.08 -10.65 14.95
C TYR A 19 -26.40 -10.17 15.52
N ALA A 20 -26.73 -10.57 16.75
CA ALA A 20 -27.95 -10.11 17.40
C ALA A 20 -27.61 -9.16 18.54
N TRP A 21 -26.83 -8.13 18.26
CA TRP A 21 -26.35 -7.25 19.31
C TRP A 21 -27.51 -6.54 20.01
N ASN A 22 -27.39 -6.42 21.33
CA ASN A 22 -28.45 -5.86 22.16
C ASN A 22 -28.24 -4.36 22.31
N ARG A 23 -29.35 -3.62 22.27
CA ARG A 23 -29.32 -2.17 22.44
C ARG A 23 -30.31 -1.78 23.55
N LYS A 24 -29.82 -1.00 24.51
CA LYS A 24 -30.65 -0.49 25.60
C LYS A 24 -30.88 1.00 25.37
N ARG A 25 -32.15 1.41 25.38
CA ARG A 25 -32.51 2.81 25.25
C ARG A 25 -32.51 3.44 26.64
N ILE A 26 -31.60 4.40 26.83
CA ILE A 26 -31.46 5.09 28.10
C ILE A 26 -32.13 6.45 27.99
N SER A 27 -33.05 6.75 28.89
CA SER A 27 -33.86 7.96 28.80
C SER A 27 -34.41 8.32 30.17
N ASN A 28 -34.67 9.62 30.36
CA ASN A 28 -35.32 10.14 31.55
C ASN A 28 -34.63 9.68 32.83
N CYS A 29 -33.33 9.96 32.91
CA CYS A 29 -32.54 9.55 34.06
C CYS A 29 -31.28 10.40 34.13
N VAL A 30 -30.61 10.29 35.28
CA VAL A 30 -29.32 10.95 35.51
C VAL A 30 -28.24 9.88 35.45
N ALA A 31 -27.23 10.11 34.61
CA ALA A 31 -26.17 9.14 34.37
C ALA A 31 -24.86 9.64 34.98
N ASP A 32 -24.23 8.79 35.78
CA ASP A 32 -22.91 9.07 36.35
C ASP A 32 -21.90 8.22 35.59
N TYR A 33 -21.32 8.79 34.54
CA TYR A 33 -20.29 8.10 33.77
C TYR A 33 -18.99 7.95 34.55
N SER A 34 -18.90 8.54 35.75
CA SER A 34 -17.69 8.40 36.56
C SER A 34 -17.44 6.96 36.96
N VAL A 35 -18.50 6.18 37.16
CA VAL A 35 -18.36 4.76 37.48
C VAL A 35 -17.71 3.98 36.35
N LEU A 36 -17.62 4.56 35.16
CA LEU A 36 -17.00 3.92 34.01
C LEU A 36 -15.61 4.47 33.71
N TYR A 37 -15.45 5.79 33.67
CA TYR A 37 -14.16 6.37 33.31
C TYR A 37 -13.19 6.47 34.48
N ASN A 38 -13.52 5.89 35.63
CA ASN A 38 -12.59 5.78 36.74
C ASN A 38 -12.19 4.34 37.03
N SER A 39 -12.83 3.37 36.37
CA SER A 39 -12.52 1.97 36.57
C SER A 39 -11.30 1.57 35.75
N ALA A 40 -10.48 0.68 36.31
CA ALA A 40 -9.33 0.14 35.62
C ALA A 40 -9.61 -1.23 35.02
N SER A 41 -10.87 -1.66 35.02
CA SER A 41 -11.24 -3.00 34.56
C SER A 41 -11.28 -3.11 33.04
N PHE A 42 -11.22 -2.00 32.31
CA PHE A 42 -11.46 -2.00 30.87
C PHE A 42 -10.13 -2.00 30.12
N SER A 43 -9.98 -2.95 29.20
CA SER A 43 -8.82 -2.98 28.32
C SER A 43 -8.93 -2.00 27.16
N THR A 44 -10.15 -1.61 26.77
CA THR A 44 -10.37 -0.67 25.69
C THR A 44 -11.37 0.37 26.16
N PHE A 45 -10.98 1.64 26.14
CA PHE A 45 -11.85 2.76 26.50
C PHE A 45 -11.49 3.91 25.55
N LYS A 46 -12.15 3.94 24.40
CA LYS A 46 -11.92 4.96 23.39
C LYS A 46 -13.23 5.67 23.10
N CYS A 47 -13.20 7.00 23.13
CA CYS A 47 -14.37 7.82 22.86
C CYS A 47 -14.10 8.71 21.66
N TYR A 48 -15.14 8.95 20.87
CA TYR A 48 -15.05 9.71 19.63
C TYR A 48 -16.01 10.88 19.68
N GLY A 49 -15.50 12.07 19.36
CA GLY A 49 -16.31 13.28 19.35
C GLY A 49 -16.54 13.91 20.71
N VAL A 50 -16.16 13.26 21.80
CA VAL A 50 -16.37 13.79 23.13
C VAL A 50 -15.40 13.08 24.08
N SER A 51 -14.89 13.83 25.05
CA SER A 51 -14.04 13.27 26.09
C SER A 51 -14.90 12.71 27.23
N PRO A 52 -14.50 11.57 27.81
CA PRO A 52 -15.29 11.03 28.94
C PRO A 52 -15.33 11.96 30.14
N THR A 53 -14.26 12.75 30.35
CA THR A 53 -14.21 13.63 31.51
C THR A 53 -15.28 14.71 31.43
N LYS A 54 -15.55 15.22 30.23
CA LYS A 54 -16.56 16.26 30.03
C LYS A 54 -17.97 15.71 29.91
N LEU A 55 -18.17 14.40 30.06
CA LEU A 55 -19.48 13.81 29.85
C LEU A 55 -20.40 14.04 31.03
N ASN A 56 -19.86 14.14 32.25
CA ASN A 56 -20.71 14.24 33.43
C ASN A 56 -21.40 15.60 33.55
N ASP A 57 -20.92 16.61 32.83
CA ASP A 57 -21.66 17.87 32.75
C ASP A 57 -22.15 18.08 31.32
N LEU A 58 -22.91 17.12 30.80
CA LEU A 58 -23.45 17.17 29.46
C LEU A 58 -24.83 16.55 29.46
N CYS A 59 -25.63 16.94 28.47
CA CYS A 59 -27.01 16.47 28.35
C CYS A 59 -27.28 16.03 26.92
N PHE A 60 -28.01 14.93 26.78
CA PHE A 60 -28.38 14.40 25.48
C PHE A 60 -29.86 14.02 25.48
N THR A 61 -30.43 13.92 24.28
CA THR A 61 -31.81 13.50 24.15
C THR A 61 -31.98 12.04 24.56
N ASN A 62 -31.25 11.14 23.89
CA ASN A 62 -31.25 9.73 24.23
C ASN A 62 -29.82 9.22 24.19
N VAL A 63 -29.56 8.18 24.98
CA VAL A 63 -28.27 7.51 25.02
C VAL A 63 -28.50 6.03 24.78
N TYR A 64 -27.74 5.45 23.86
CA TYR A 64 -27.88 4.04 23.52
C TYR A 64 -26.66 3.27 24.00
N ALA A 65 -26.89 2.08 24.56
CA ALA A 65 -25.82 1.20 25.02
C ALA A 65 -25.94 -0.12 24.25
N ASP A 66 -25.00 -0.37 23.36
CA ASP A 66 -25.00 -1.58 22.56
C ASP A 66 -24.08 -2.63 23.18
N SER A 67 -24.54 -3.88 23.20
CA SER A 67 -23.85 -4.96 23.88
C SER A 67 -23.65 -6.14 22.94
N PHE A 68 -22.47 -6.75 23.02
CA PHE A 68 -22.16 -7.99 22.29
C PHE A 68 -20.85 -8.53 22.83
N VAL A 69 -20.51 -9.74 22.37
CA VAL A 69 -19.27 -10.40 22.73
C VAL A 69 -18.54 -10.78 21.45
N ILE A 70 -17.33 -10.27 21.28
CA ILE A 70 -16.48 -10.63 20.15
C ILE A 70 -15.20 -11.27 20.69
N ARG A 71 -14.32 -11.68 19.79
CA ARG A 71 -13.01 -12.14 20.20
C ARG A 71 -12.02 -10.98 20.16
N GLY A 72 -10.91 -11.15 20.87
CA GLY A 72 -10.04 -10.02 21.18
C GLY A 72 -9.51 -9.30 19.95
N ASP A 73 -9.10 -10.06 18.92
CA ASP A 73 -8.52 -9.46 17.73
C ASP A 73 -9.57 -8.81 16.83
N GLU A 74 -10.83 -8.76 17.24
CA GLU A 74 -11.88 -8.08 16.52
C GLU A 74 -12.35 -6.80 17.21
N VAL A 75 -11.79 -6.49 18.38
CA VAL A 75 -12.21 -5.29 19.11
C VAL A 75 -11.79 -4.04 18.34
N ARG A 76 -10.66 -4.08 17.63
CA ARG A 76 -10.25 -2.94 16.82
C ARG A 76 -11.24 -2.63 15.71
N GLN A 77 -12.06 -3.61 15.31
CA GLN A 77 -13.07 -3.37 14.29
C GLN A 77 -14.22 -2.51 14.80
N ILE A 78 -14.39 -2.41 16.11
CA ILE A 78 -15.45 -1.59 16.69
C ILE A 78 -14.93 -0.16 16.77
N ALA A 79 -14.71 0.45 15.60
CA ALA A 79 -14.18 1.81 15.49
C ALA A 79 -14.67 2.37 14.17
N PRO A 80 -14.73 3.69 14.04
CA PRO A 80 -15.23 4.29 12.79
C PRO A 80 -14.34 3.94 11.60
N GLY A 81 -14.99 3.65 10.48
CA GLY A 81 -14.28 3.42 9.22
C GLY A 81 -13.40 2.20 9.20
N GLN A 82 -13.82 1.12 9.87
CA GLN A 82 -13.04 -0.10 9.93
C GLN A 82 -13.67 -1.18 9.07
N THR A 83 -12.88 -2.22 8.79
CA THR A 83 -13.30 -3.33 7.96
C THR A 83 -13.07 -4.64 8.69
N GLY A 84 -13.75 -5.68 8.22
CA GLY A 84 -13.65 -6.99 8.85
C GLY A 84 -14.99 -7.68 8.96
N LYS A 85 -14.99 -8.95 9.37
CA LYS A 85 -16.25 -9.71 9.44
C LYS A 85 -17.22 -9.08 10.42
N ILE A 86 -16.72 -8.52 11.53
CA ILE A 86 -17.59 -7.92 12.52
C ILE A 86 -18.12 -6.57 12.04
N ALA A 87 -17.24 -5.73 11.50
CA ALA A 87 -17.66 -4.41 11.04
C ALA A 87 -18.53 -4.50 9.80
N ASP A 88 -18.25 -5.45 8.91
CA ASP A 88 -18.97 -5.55 7.65
C ASP A 88 -20.25 -6.38 7.77
N TYR A 89 -20.25 -7.42 8.59
CA TYR A 89 -21.37 -8.37 8.62
C TYR A 89 -22.09 -8.42 9.97
N ASN A 90 -21.63 -7.71 10.99
CA ASN A 90 -22.21 -7.91 12.31
C ASN A 90 -22.57 -6.60 13.01
N TYR A 91 -21.60 -5.72 13.24
CA TYR A 91 -21.85 -4.46 13.92
C TYR A 91 -20.95 -3.38 13.33
N LYS A 92 -21.56 -2.36 12.74
CA LYS A 92 -20.83 -1.29 12.08
C LYS A 92 -21.10 0.03 12.79
N LEU A 93 -20.03 0.77 13.07
CA LEU A 93 -20.17 2.11 13.64
C LEU A 93 -20.20 3.14 12.52
N PRO A 94 -20.97 4.22 12.66
CA PRO A 94 -20.93 5.30 11.67
C PRO A 94 -19.58 6.00 11.70
N ASP A 95 -19.27 6.68 10.60
CA ASP A 95 -18.00 7.39 10.52
C ASP A 95 -18.00 8.63 11.42
N ASP A 96 -19.13 9.34 11.49
CA ASP A 96 -19.29 10.46 12.40
C ASP A 96 -19.76 10.03 13.79
N PHE A 97 -19.37 8.83 14.22
CA PHE A 97 -19.87 8.28 15.47
C PHE A 97 -19.44 9.12 16.66
N THR A 98 -20.42 9.49 17.50
CA THR A 98 -20.18 10.23 18.73
C THR A 98 -20.52 9.32 19.90
N GLY A 99 -19.49 8.86 20.60
CA GLY A 99 -19.71 7.98 21.74
C GLY A 99 -18.42 7.32 22.18
N CYS A 100 -18.57 6.21 22.91
CA CYS A 100 -17.45 5.52 23.52
C CYS A 100 -17.52 4.03 23.23
N VAL A 101 -16.36 3.43 23.01
CA VAL A 101 -16.22 1.98 22.84
C VAL A 101 -15.50 1.43 24.06
N ILE A 102 -16.17 0.53 24.78
CA ILE A 102 -15.67 0.00 26.04
C ILE A 102 -15.66 -1.52 25.95
N ALA A 103 -14.51 -2.13 26.25
CA ALA A 103 -14.35 -3.57 26.12
C ALA A 103 -13.46 -4.10 27.24
N TRP A 104 -13.71 -5.35 27.62
CA TRP A 104 -12.90 -6.03 28.62
C TRP A 104 -12.93 -7.53 28.38
N ASN A 105 -11.89 -8.21 28.85
CA ASN A 105 -11.77 -9.65 28.67
C ASN A 105 -12.81 -10.38 29.52
N SER A 106 -13.41 -11.42 28.94
CA SER A 106 -14.47 -12.18 29.60
C SER A 106 -14.21 -13.68 29.52
N ASN A 107 -12.95 -14.09 29.56
CA ASN A 107 -12.63 -15.52 29.54
C ASN A 107 -13.14 -16.21 30.81
N ASN A 108 -13.21 -15.50 31.92
CA ASN A 108 -13.68 -16.09 33.17
C ASN A 108 -15.18 -16.32 33.17
N LEU A 109 -15.93 -15.64 32.30
CA LEU A 109 -17.38 -15.71 32.29
C LEU A 109 -17.95 -16.38 31.04
N ASP A 110 -17.33 -16.18 29.88
CA ASP A 110 -17.90 -16.63 28.61
C ASP A 110 -17.07 -17.72 27.95
N SER A 111 -16.22 -18.41 28.71
CA SER A 111 -15.46 -19.54 28.22
C SER A 111 -15.78 -20.77 29.05
N LYS A 112 -15.91 -21.92 28.38
CA LYS A 112 -16.21 -23.18 29.05
C LYS A 112 -15.19 -24.24 28.61
N VAL A 113 -14.99 -25.23 29.48
CA VAL A 113 -13.95 -26.23 29.26
C VAL A 113 -14.13 -26.90 27.89
N GLY A 114 -15.35 -27.37 27.61
CA GLY A 114 -15.63 -27.89 26.29
C GLY A 114 -15.66 -26.83 25.20
N GLY A 115 -15.88 -25.58 25.57
CA GLY A 115 -16.01 -24.47 24.63
C GLY A 115 -17.43 -23.95 24.68
N ASN A 116 -17.55 -22.63 24.78
CA ASN A 116 -18.85 -21.96 24.81
C ASN A 116 -19.25 -21.68 23.36
N TYR A 117 -20.11 -22.54 22.81
CA TYR A 117 -20.60 -22.40 21.45
C TYR A 117 -21.90 -21.62 21.37
N ASN A 118 -22.27 -20.91 22.43
CA ASN A 118 -23.50 -20.12 22.45
C ASN A 118 -23.34 -18.73 21.86
N TYR A 119 -22.11 -18.27 21.68
CA TYR A 119 -21.84 -16.97 21.06
C TYR A 119 -21.55 -17.18 19.58
N LEU A 120 -22.27 -16.45 18.73
CA LEU A 120 -22.20 -16.63 17.29
C LEU A 120 -21.88 -15.31 16.61
N TYR A 121 -21.47 -15.41 15.35
CA TYR A 121 -21.23 -14.24 14.51
C TYR A 121 -21.59 -14.61 13.07
N ARG A 122 -21.99 -13.60 12.31
CA ARG A 122 -22.35 -13.80 10.90
C ARG A 122 -21.08 -13.89 10.07
N LEU A 123 -20.88 -15.04 9.43
CA LEU A 123 -19.70 -15.25 8.61
C LEU A 123 -19.92 -14.89 7.15
N PHE A 124 -21.14 -15.05 6.64
CA PHE A 124 -21.44 -14.82 5.23
C PHE A 124 -22.60 -13.84 5.12
N ARG A 125 -22.44 -12.85 4.23
CA ARG A 125 -23.51 -11.92 3.91
C ARG A 125 -23.28 -11.38 2.50
N LYS A 126 -24.37 -11.16 1.77
CA LYS A 126 -24.26 -10.70 0.39
C LYS A 126 -23.87 -9.23 0.28
N SER A 127 -24.11 -8.45 1.34
CA SER A 127 -23.78 -7.04 1.34
C SER A 127 -23.28 -6.64 2.73
N ASN A 128 -22.58 -5.51 2.78
CA ASN A 128 -22.07 -5.00 4.04
C ASN A 128 -23.15 -4.24 4.80
N LEU A 129 -23.07 -4.31 6.12
CA LEU A 129 -24.07 -3.66 6.96
C LEU A 129 -23.89 -2.14 6.95
N LYS A 130 -25.01 -1.43 7.03
CA LYS A 130 -25.00 -0.01 7.24
C LYS A 130 -24.82 0.30 8.72
N PRO A 131 -24.44 1.53 9.07
CA PRO A 131 -24.19 1.85 10.48
C PRO A 131 -25.40 1.57 11.35
N PHE A 132 -25.16 0.92 12.49
CA PHE A 132 -26.19 0.61 13.49
C PHE A 132 -27.31 -0.23 12.89
N GLU A 133 -26.95 -1.19 12.04
CA GLU A 133 -27.91 -2.12 11.45
C GLU A 133 -27.69 -3.52 12.01
N ARG A 134 -28.79 -4.24 12.22
CA ARG A 134 -28.76 -5.58 12.81
C ARG A 134 -29.47 -6.55 11.89
N ASP A 135 -28.84 -7.69 11.64
CA ASP A 135 -29.40 -8.75 10.81
C ASP A 135 -29.40 -10.05 11.61
N ILE A 136 -30.59 -10.50 12.00
CA ILE A 136 -30.74 -11.76 12.73
C ILE A 136 -31.26 -12.87 11.82
N SER A 137 -31.12 -12.70 10.50
CA SER A 137 -31.65 -13.68 9.57
C SER A 137 -30.84 -14.97 9.60
N THR A 138 -31.48 -16.06 9.19
CA THR A 138 -30.87 -17.38 9.12
C THR A 138 -31.05 -17.97 7.73
N GLU A 139 -30.96 -17.14 6.70
CA GLU A 139 -31.13 -17.60 5.33
C GLU A 139 -29.84 -18.19 4.80
N ILE A 140 -29.97 -19.27 4.02
CA ILE A 140 -28.80 -19.98 3.51
C ILE A 140 -28.07 -19.12 2.48
N TYR A 141 -26.75 -19.09 2.58
CA TYR A 141 -25.92 -18.21 1.77
C TYR A 141 -25.46 -18.94 0.51
N GLN A 142 -25.60 -18.28 -0.64
CA GLN A 142 -25.16 -18.84 -1.92
C GLN A 142 -23.72 -18.42 -2.15
N ALA A 143 -22.79 -19.35 -1.95
CA ALA A 143 -21.38 -19.13 -2.19
C ALA A 143 -20.94 -19.60 -3.57
N GLY A 144 -21.87 -20.00 -4.42
CA GLY A 144 -21.56 -20.48 -5.75
C GLY A 144 -22.62 -20.12 -6.78
N SER A 145 -22.62 -20.84 -7.91
CA SER A 145 -23.55 -20.52 -8.98
C SER A 145 -24.91 -21.15 -8.74
N THR A 146 -24.94 -22.38 -8.24
CA THR A 146 -26.18 -23.11 -8.10
C THR A 146 -27.00 -22.56 -6.94
N PRO A 147 -28.33 -22.44 -7.09
CA PRO A 147 -29.14 -21.85 -6.03
C PRO A 147 -29.38 -22.79 -4.86
N CYS A 148 -29.50 -22.20 -3.67
CA CYS A 148 -29.71 -22.97 -2.46
C CYS A 148 -31.17 -23.38 -2.29
N ASN A 149 -32.11 -22.49 -2.60
CA ASN A 149 -33.54 -22.75 -2.49
C ASN A 149 -33.95 -23.15 -1.08
N GLY A 150 -33.27 -22.57 -0.08
CA GLY A 150 -33.67 -22.75 1.30
C GLY A 150 -33.10 -23.96 2.02
N VAL A 151 -32.25 -24.75 1.36
CA VAL A 151 -31.64 -25.92 1.98
C VAL A 151 -30.13 -25.80 1.89
N GLU A 152 -29.44 -26.27 2.92
CA GLU A 152 -27.98 -26.23 2.94
C GLU A 152 -27.41 -27.29 2.01
N GLY A 153 -26.24 -27.01 1.49
CA GLY A 153 -25.60 -27.95 0.58
C GLY A 153 -24.23 -27.47 0.16
N PHE A 154 -23.76 -28.01 -0.97
CA PHE A 154 -22.45 -27.63 -1.48
C PHE A 154 -22.45 -26.16 -1.88
N ASN A 155 -21.56 -25.38 -1.26
CA ASN A 155 -21.48 -23.93 -1.45
C ASN A 155 -22.81 -23.26 -1.12
N CYS A 156 -23.56 -23.85 -0.20
CA CYS A 156 -24.80 -23.29 0.34
C CYS A 156 -24.74 -23.46 1.85
N TYR A 157 -24.42 -22.37 2.56
CA TYR A 157 -24.02 -22.44 3.96
C TYR A 157 -25.02 -21.74 4.87
N PHE A 158 -25.08 -22.21 6.11
CA PHE A 158 -25.74 -21.46 7.15
C PHE A 158 -24.94 -20.19 7.46
N PRO A 159 -25.61 -19.05 7.59
CA PRO A 159 -24.87 -17.78 7.61
C PRO A 159 -24.10 -17.53 8.90
N LEU A 160 -24.52 -18.09 10.02
CA LEU A 160 -23.92 -17.81 11.31
C LEU A 160 -22.89 -18.88 11.70
N GLN A 161 -21.89 -18.47 12.44
CA GLN A 161 -20.86 -19.38 12.91
C GLN A 161 -20.53 -19.09 14.36
N SER A 162 -20.27 -20.15 15.12
CA SER A 162 -20.09 -20.07 16.57
C SER A 162 -18.63 -19.84 16.93
N TYR A 163 -18.40 -18.86 17.79
CA TYR A 163 -17.11 -18.77 18.48
C TYR A 163 -16.94 -20.00 19.37
N GLY A 164 -15.78 -20.63 19.28
CA GLY A 164 -15.48 -21.75 20.16
C GLY A 164 -14.68 -21.30 21.37
N PHE A 165 -15.24 -20.39 22.14
CA PHE A 165 -14.53 -19.77 23.26
C PHE A 165 -14.11 -20.79 24.30
N GLN A 166 -12.81 -21.09 24.36
CA GLN A 166 -12.24 -22.02 25.31
C GLN A 166 -11.30 -21.29 26.26
N PRO A 167 -11.23 -21.72 27.52
CA PRO A 167 -10.35 -21.00 28.48
C PRO A 167 -8.88 -21.08 28.13
N THR A 168 -8.47 -22.13 27.43
CA THR A 168 -7.06 -22.31 27.05
C THR A 168 -6.68 -21.48 25.82
N ASN A 169 -7.61 -20.73 25.24
CA ASN A 169 -7.33 -19.97 24.03
C ASN A 169 -6.37 -18.82 24.32
N GLY A 170 -5.72 -18.34 23.26
CA GLY A 170 -4.93 -17.13 23.36
C GLY A 170 -5.80 -15.91 23.56
N VAL A 171 -5.15 -14.81 23.95
CA VAL A 171 -5.88 -13.60 24.30
C VAL A 171 -6.69 -13.09 23.12
N GLY A 172 -6.10 -13.10 21.92
CA GLY A 172 -6.80 -12.64 20.74
C GLY A 172 -8.00 -13.47 20.38
N TYR A 173 -8.05 -14.73 20.82
CA TYR A 173 -9.17 -15.62 20.56
C TYR A 173 -10.11 -15.75 21.76
N GLN A 174 -9.78 -15.10 22.87
CA GLN A 174 -10.62 -15.15 24.07
C GLN A 174 -11.83 -14.24 23.92
N PRO A 175 -12.91 -14.51 24.65
CA PRO A 175 -14.08 -13.64 24.56
C PRO A 175 -13.83 -12.29 25.22
N TYR A 176 -14.38 -11.25 24.60
CA TYR A 176 -14.29 -9.89 25.11
C TYR A 176 -15.68 -9.26 25.07
N ARG A 177 -16.11 -8.71 26.20
CA ARG A 177 -17.42 -8.06 26.29
C ARG A 177 -17.27 -6.59 25.92
N VAL A 178 -18.14 -6.12 25.02
CA VAL A 178 -18.03 -4.79 24.44
C VAL A 178 -19.33 -4.03 24.70
N VAL A 179 -19.20 -2.79 25.18
CA VAL A 179 -20.32 -1.88 25.33
C VAL A 179 -20.01 -0.61 24.55
N VAL A 180 -20.90 -0.26 23.62
CA VAL A 180 -20.76 0.95 22.81
C VAL A 180 -21.86 1.91 23.23
N LEU A 181 -21.47 3.06 23.78
CA LEU A 181 -22.40 4.10 24.18
C LEU A 181 -22.50 5.12 23.05
N SER A 182 -23.72 5.35 22.58
CA SER A 182 -23.99 6.35 21.56
C SER A 182 -24.80 7.49 22.18
N PHE A 183 -24.37 8.72 21.93
CA PHE A 183 -24.99 9.90 22.51
C PHE A 183 -25.74 10.67 21.43
N GLU A 184 -27.04 10.79 21.59
CA GLU A 184 -27.94 11.35 20.58
C GLU A 184 -28.45 12.70 21.08
N LEU A 185 -28.23 13.75 20.29
CA LEU A 185 -28.71 15.10 20.59
C LEU A 185 -29.62 15.55 19.46
N LEU A 186 -30.91 15.62 19.74
CA LEU A 186 -31.93 15.96 18.75
C LEU A 186 -32.62 17.26 19.15
N HIS A 187 -33.42 17.79 18.22
CA HIS A 187 -34.22 18.98 18.48
C HIS A 187 -35.38 18.62 19.40
N ALA A 188 -35.06 18.26 20.64
CA ALA A 188 -36.03 17.75 21.59
C ALA A 188 -35.47 17.94 22.99
N PRO A 189 -36.30 17.85 24.03
CA PRO A 189 -35.78 18.01 25.39
C PRO A 189 -34.74 16.95 25.73
N ALA A 190 -33.59 17.41 26.22
CA ALA A 190 -32.54 16.50 26.65
C ALA A 190 -32.94 15.84 27.96
N THR A 191 -32.85 14.52 28.01
CA THR A 191 -33.41 13.75 29.11
C THR A 191 -32.40 12.87 29.84
N VAL A 192 -31.24 12.61 29.27
CA VAL A 192 -30.16 11.88 29.94
C VAL A 192 -29.07 12.89 30.25
N CYS A 193 -28.95 13.25 31.52
CA CYS A 193 -28.04 14.29 31.96
C CYS A 193 -27.14 13.78 33.07
N GLY A 194 -25.87 14.14 33.00
CA GLY A 194 -24.95 13.85 34.08
C GLY A 194 -25.15 14.79 35.24
N PRO A 195 -24.45 14.51 36.35
CA PRO A 195 -24.55 15.34 37.54
C PRO A 195 -23.61 16.55 37.48
N GLN B 1 -17.36 1.35 -1.38
CA GLN B 1 -15.94 1.07 -1.23
C GLN B 1 -15.14 2.37 -1.12
N VAL B 2 -14.18 2.40 -0.19
CA VAL B 2 -13.34 3.57 -0.02
C VAL B 2 -12.38 3.67 -1.19
N GLN B 3 -12.34 4.85 -1.82
CA GLN B 3 -11.46 5.09 -2.95
C GLN B 3 -10.93 6.51 -2.89
N LEU B 4 -9.61 6.65 -2.99
CA LEU B 4 -8.94 7.95 -3.04
C LEU B 4 -8.38 8.13 -4.44
N GLN B 5 -9.07 8.94 -5.24
CA GLN B 5 -8.68 9.20 -6.63
C GLN B 5 -7.89 10.49 -6.70
N GLN B 6 -6.67 10.42 -7.23
CA GLN B 6 -5.79 11.58 -7.32
C GLN B 6 -5.74 12.11 -8.75
N SER B 7 -5.26 13.34 -8.87
CA SER B 7 -5.19 14.01 -10.17
C SER B 7 -4.13 13.36 -11.06
N GLY B 8 -4.14 13.75 -12.33
CA GLY B 8 -3.18 13.23 -13.28
C GLY B 8 -1.79 13.79 -13.06
N ALA B 9 -0.83 13.18 -13.76
CA ALA B 9 0.56 13.58 -13.62
C ALA B 9 0.76 15.02 -14.07
N GLU B 10 1.78 15.67 -13.49
CA GLU B 10 2.06 17.07 -13.75
C GLU B 10 3.54 17.25 -14.07
N VAL B 11 3.82 18.15 -15.01
CA VAL B 11 5.18 18.49 -15.41
C VAL B 11 5.37 19.98 -15.15
N LYS B 12 6.47 20.33 -14.46
CA LYS B 12 6.70 21.71 -14.06
C LYS B 12 8.16 22.07 -14.28
N LYS B 13 8.39 23.36 -14.55
CA LYS B 13 9.73 23.92 -14.61
C LYS B 13 10.15 24.39 -13.22
N PRO B 14 11.46 24.45 -12.95
CA PRO B 14 11.92 24.88 -11.63
C PRO B 14 11.36 26.24 -11.25
N GLY B 15 10.94 26.36 -9.99
CA GLY B 15 10.38 27.58 -9.46
C GLY B 15 8.86 27.67 -9.53
N ALA B 16 8.22 26.86 -10.36
CA ALA B 16 6.78 26.93 -10.55
C ALA B 16 6.07 26.28 -9.36
N SER B 17 4.75 26.17 -9.45
CA SER B 17 3.93 25.57 -8.40
C SER B 17 3.07 24.47 -8.99
N VAL B 18 2.54 23.62 -8.11
CA VAL B 18 1.69 22.50 -8.51
C VAL B 18 0.58 22.35 -7.48
N LYS B 19 -0.64 22.09 -7.96
CA LYS B 19 -1.78 21.83 -7.10
C LYS B 19 -2.32 20.44 -7.42
N LEU B 20 -2.41 19.58 -6.41
CA LEU B 20 -2.84 18.20 -6.56
C LEU B 20 -4.15 17.98 -5.83
N SER B 21 -4.98 17.10 -6.39
CA SER B 21 -6.31 16.83 -5.85
C SER B 21 -6.41 15.37 -5.41
N CYS B 22 -7.20 15.13 -4.37
CA CYS B 22 -7.44 13.78 -3.86
C CYS B 22 -8.94 13.67 -3.55
N LYS B 23 -9.69 13.07 -4.47
CA LYS B 23 -11.13 12.93 -4.33
C LYS B 23 -11.46 11.66 -3.54
N ALA B 24 -12.27 11.81 -2.51
CA ALA B 24 -12.63 10.70 -1.64
C ALA B 24 -14.03 10.19 -1.98
N SER B 25 -14.22 8.88 -1.86
CA SER B 25 -15.50 8.27 -2.16
C SER B 25 -15.69 7.05 -1.24
N GLY B 26 -16.96 6.75 -0.95
CA GLY B 26 -17.30 5.57 -0.18
C GLY B 26 -17.23 5.72 1.31
N TYR B 27 -17.06 6.94 1.83
CA TYR B 27 -17.00 7.16 3.27
C TYR B 27 -17.24 8.63 3.55
N THR B 28 -17.50 8.94 4.82
CA THR B 28 -17.70 10.31 5.26
C THR B 28 -16.36 11.04 5.19
N PHE B 29 -16.14 11.77 4.11
CA PHE B 29 -14.87 12.46 3.90
C PHE B 29 -14.59 13.52 4.95
N SER B 30 -15.63 14.02 5.61
CA SER B 30 -15.46 15.16 6.52
C SER B 30 -14.69 14.79 7.78
N VAL B 31 -14.81 13.55 8.26
CA VAL B 31 -14.37 13.20 9.60
C VAL B 31 -13.05 12.44 9.62
N PHE B 32 -12.46 12.15 8.46
CA PHE B 32 -11.24 11.35 8.45
C PHE B 32 -10.04 12.19 8.02
N PRO B 33 -8.95 12.18 8.78
CA PRO B 33 -7.77 12.96 8.38
C PRO B 33 -7.09 12.35 7.17
N ILE B 34 -6.67 13.21 6.26
CA ILE B 34 -6.00 12.82 5.03
C ILE B 34 -4.57 13.34 5.07
N HIS B 35 -3.60 12.43 5.04
CA HIS B 35 -2.19 12.78 5.03
C HIS B 35 -1.66 12.80 3.59
N TRP B 36 -0.59 13.55 3.40
CA TRP B 36 0.07 13.65 2.10
C TRP B 36 1.51 13.17 2.25
N VAL B 37 1.87 12.14 1.48
CA VAL B 37 3.19 11.51 1.55
C VAL B 37 3.75 11.45 0.15
N ARG B 38 5.02 11.84 -0.01
CA ARG B 38 5.68 11.83 -1.29
C ARG B 38 6.83 10.82 -1.29
N GLN B 39 7.26 10.44 -2.49
CA GLN B 39 8.31 9.44 -2.65
C GLN B 39 9.11 9.76 -3.90
N ALA B 40 10.35 10.21 -3.73
CA ALA B 40 11.25 10.40 -4.86
C ALA B 40 11.53 9.06 -5.53
N PRO B 41 11.90 9.07 -6.81
CA PRO B 41 12.15 7.80 -7.51
C PRO B 41 13.20 6.95 -6.81
N GLY B 42 12.81 5.74 -6.43
CA GLY B 42 13.70 4.83 -5.74
C GLY B 42 14.07 5.23 -4.34
N GLN B 43 13.36 6.18 -3.74
CA GLN B 43 13.66 6.68 -2.41
C GLN B 43 12.56 6.28 -1.43
N ARG B 44 12.73 6.68 -0.18
CA ARG B 44 11.83 6.32 0.90
C ARG B 44 10.60 7.22 0.89
N LEU B 45 9.59 6.81 1.67
CA LEU B 45 8.40 7.63 1.85
C LEU B 45 8.71 8.81 2.78
N GLU B 46 8.08 9.95 2.51
CA GLU B 46 8.32 11.15 3.28
C GLU B 46 6.98 11.81 3.58
N TRP B 47 6.68 11.95 4.87
CA TRP B 47 5.45 12.62 5.27
C TRP B 47 5.57 14.12 5.05
N MET B 48 4.50 14.72 4.51
CA MET B 48 4.45 16.15 4.25
C MET B 48 3.47 16.90 5.14
N GLY B 49 2.28 16.36 5.35
CA GLY B 49 1.30 17.03 6.19
C GLY B 49 0.00 16.26 6.18
N TRP B 50 -0.88 16.64 7.11
CA TRP B 50 -2.23 16.09 7.19
C TRP B 50 -3.24 17.23 7.26
N HIS B 51 -4.50 16.89 7.04
CA HIS B 51 -5.59 17.86 7.11
C HIS B 51 -6.92 17.13 7.26
N ASN B 52 -7.73 17.60 8.21
CA ASN B 52 -9.07 17.07 8.43
C ASN B 52 -10.07 18.13 8.01
N ALA B 53 -11.03 17.74 7.17
CA ALA B 53 -11.86 18.71 6.48
C ALA B 53 -12.90 19.32 7.43
N GLY B 54 -13.59 18.47 8.18
CA GLY B 54 -14.63 18.96 9.08
C GLY B 54 -14.07 19.75 10.25
N ASP B 55 -12.86 19.40 10.70
CA ASP B 55 -12.21 20.11 11.80
C ASP B 55 -11.44 21.34 11.33
N GLY B 56 -10.92 21.32 10.11
CA GLY B 56 -9.96 22.32 9.70
C GLY B 56 -8.59 22.15 10.33
N ASP B 57 -8.36 21.04 11.02
CA ASP B 57 -7.06 20.80 11.64
C ASP B 57 -6.01 20.55 10.57
N THR B 58 -4.90 21.27 10.65
CA THR B 58 -3.86 21.21 9.64
C THR B 58 -2.49 21.19 10.32
N LYS B 59 -1.59 20.35 9.83
CA LYS B 59 -0.23 20.31 10.32
C LYS B 59 0.69 19.95 9.17
N TYR B 60 1.69 20.80 8.92
CA TYR B 60 2.70 20.55 7.90
C TYR B 60 4.00 20.10 8.55
N SER B 61 4.83 19.44 7.75
CA SER B 61 6.18 19.10 8.18
C SER B 61 7.06 20.35 8.11
N GLN B 62 8.11 20.37 8.93
CA GLN B 62 9.00 21.52 8.96
C GLN B 62 9.69 21.74 7.61
N LYS B 63 9.90 20.67 6.85
CA LYS B 63 10.63 20.79 5.60
C LYS B 63 9.82 21.51 4.52
N PHE B 64 8.50 21.41 4.57
CA PHE B 64 7.64 21.96 3.51
C PHE B 64 6.80 23.13 3.98
N GLN B 65 6.89 23.53 5.25
CA GLN B 65 6.09 24.66 5.72
C GLN B 65 6.58 25.96 5.10
N GLY B 66 5.63 26.78 4.67
CA GLY B 66 5.91 28.00 3.94
C GLY B 66 5.76 27.84 2.44
N ARG B 67 6.05 26.66 1.91
CA ARG B 67 5.87 26.36 0.51
C ARG B 67 4.72 25.41 0.22
N VAL B 68 4.09 24.86 1.26
CA VAL B 68 3.02 23.89 1.10
C VAL B 68 1.74 24.44 1.73
N THR B 69 0.61 23.92 1.27
CA THR B 69 -0.69 24.28 1.81
C THR B 69 -1.67 23.17 1.45
N ILE B 70 -2.44 22.71 2.43
CA ILE B 70 -3.42 21.66 2.23
C ILE B 70 -4.79 22.20 2.62
N ILE B 71 -5.71 22.24 1.66
CA ILE B 71 -7.08 22.67 1.90
C ILE B 71 -8.03 21.54 1.50
N SER B 72 -9.34 21.79 1.59
CA SER B 72 -10.31 20.77 1.24
C SER B 72 -11.63 21.43 0.90
N ASP B 73 -12.43 20.72 0.10
CA ASP B 73 -13.78 21.14 -0.27
C ASP B 73 -14.71 19.98 0.07
N THR B 74 -15.41 20.10 1.20
CA THR B 74 -16.26 19.01 1.69
C THR B 74 -17.40 18.69 0.72
N SER B 75 -17.90 19.71 0.01
CA SER B 75 -18.97 19.47 -0.96
C SER B 75 -18.49 18.54 -2.07
N ALA B 76 -17.30 18.79 -2.60
CA ALA B 76 -16.72 17.94 -3.64
C ALA B 76 -15.98 16.74 -3.06
N SER B 77 -15.85 16.65 -1.74
CA SER B 77 -15.18 15.53 -1.07
C SER B 77 -13.76 15.34 -1.61
N THR B 78 -13.04 16.46 -1.72
CA THR B 78 -11.72 16.48 -2.35
C THR B 78 -10.75 17.29 -1.50
N ALA B 79 -9.59 16.71 -1.22
CA ALA B 79 -8.52 17.40 -0.52
C ALA B 79 -7.48 17.88 -1.53
N TYR B 80 -6.99 19.09 -1.32
CA TYR B 80 -6.03 19.71 -2.22
C TYR B 80 -4.72 19.98 -1.50
N MET B 81 -3.60 19.73 -2.18
CA MET B 81 -2.28 20.09 -1.69
C MET B 81 -1.56 20.88 -2.77
N GLU B 82 -0.92 21.97 -2.37
CA GLU B 82 -0.22 22.85 -3.30
C GLU B 82 1.20 23.07 -2.81
N LEU B 83 2.17 22.65 -3.61
CA LEU B 83 3.59 22.86 -3.32
C LEU B 83 4.12 23.95 -4.23
N SER B 84 4.80 24.93 -3.65
CA SER B 84 5.32 26.09 -4.37
C SER B 84 6.84 26.08 -4.35
N SER B 85 7.42 26.99 -5.15
CA SER B 85 8.87 27.12 -5.28
C SER B 85 9.51 25.77 -5.60
N LEU B 86 9.01 25.15 -6.67
CA LEU B 86 9.42 23.79 -7.00
C LEU B 86 10.87 23.74 -7.47
N LYS B 87 11.57 22.68 -7.09
CA LYS B 87 12.93 22.42 -7.53
C LYS B 87 12.98 21.01 -8.11
N SER B 88 14.10 20.71 -8.78
CA SER B 88 14.24 19.41 -9.42
C SER B 88 14.14 18.26 -8.42
N GLU B 89 14.57 18.49 -7.18
CA GLU B 89 14.50 17.45 -6.16
C GLU B 89 13.08 17.16 -5.70
N ASP B 90 12.12 18.02 -6.04
CA ASP B 90 10.72 17.76 -5.74
C ASP B 90 10.09 16.75 -6.70
N THR B 91 10.84 16.31 -7.72
CA THR B 91 10.36 15.26 -8.61
C THR B 91 10.10 13.98 -7.83
N ALA B 92 8.84 13.58 -7.73
CA ALA B 92 8.44 12.46 -6.89
C ALA B 92 7.01 12.07 -7.24
N VAL B 93 6.55 10.99 -6.62
CA VAL B 93 5.14 10.60 -6.66
C VAL B 93 4.51 10.99 -5.33
N TYR B 94 3.42 11.73 -5.40
CA TYR B 94 2.77 12.29 -4.21
C TYR B 94 1.49 11.53 -3.93
N TYR B 95 1.44 10.86 -2.78
CA TYR B 95 0.29 10.07 -2.37
C TYR B 95 -0.56 10.85 -1.37
N CYS B 96 -1.87 10.60 -1.43
CA CYS B 96 -2.79 11.00 -0.37
C CYS B 96 -3.28 9.74 0.33
N ALA B 97 -3.28 9.76 1.65
CA ALA B 97 -3.64 8.59 2.45
C ALA B 97 -4.59 9.00 3.55
N ARG B 98 -5.54 8.11 3.85
CA ARG B 98 -6.54 8.35 4.89
C ARG B 98 -6.15 7.60 6.15
N ALA B 99 -6.20 8.29 7.29
CA ALA B 99 -5.90 7.69 8.58
C ALA B 99 -7.19 7.36 9.31
N ALA B 100 -7.06 6.73 10.47
CA ALA B 100 -8.21 6.43 11.30
C ALA B 100 -8.60 7.67 12.11
N ARG B 101 -9.77 7.59 12.74
CA ARG B 101 -10.27 8.76 13.46
C ARG B 101 -9.59 8.89 14.82
N PRO B 102 -9.20 10.09 15.21
CA PRO B 102 -8.60 10.29 16.53
C PRO B 102 -9.62 10.11 17.64
N TYR B 103 -9.12 9.83 18.84
CA TYR B 103 -9.97 9.46 19.96
C TYR B 103 -9.45 10.05 21.26
N TYR B 104 -10.33 10.09 22.25
CA TYR B 104 -9.99 10.41 23.63
C TYR B 104 -9.99 9.13 24.46
N ASP B 105 -9.13 9.07 25.47
CA ASP B 105 -9.03 7.88 26.29
C ASP B 105 -9.83 8.08 27.58
N ARG B 106 -9.67 7.13 28.51
CA ARG B 106 -10.45 7.16 29.75
C ARG B 106 -10.16 8.40 30.57
N ARG B 107 -8.91 8.87 30.56
CA ARG B 107 -8.50 10.03 31.34
C ARG B 107 -8.67 11.34 30.58
N GLY B 108 -9.26 11.31 29.40
CA GLY B 108 -9.53 12.52 28.64
C GLY B 108 -8.43 13.00 27.74
N TYR B 109 -7.40 12.19 27.51
CA TYR B 109 -6.26 12.59 26.68
C TYR B 109 -6.54 12.29 25.22
N PHE B 110 -6.18 13.23 24.35
CA PHE B 110 -6.44 13.13 22.92
C PHE B 110 -5.34 12.32 22.26
N PHE B 111 -5.71 11.24 21.58
CA PHE B 111 -4.77 10.38 20.87
C PHE B 111 -5.13 10.33 19.39
N ARG B 112 -4.14 10.55 18.54
CA ARG B 112 -4.35 10.37 17.12
C ARG B 112 -4.26 8.89 16.74
N ALA B 113 -4.77 8.56 15.57
CA ALA B 113 -4.73 7.19 15.04
C ALA B 113 -4.22 7.24 13.60
N ASP B 114 -2.96 7.65 13.45
CA ASP B 114 -2.40 7.94 12.13
C ASP B 114 -1.69 6.71 11.55
N TYR B 115 -2.47 5.65 11.37
CA TYR B 115 -2.07 4.54 10.50
C TYR B 115 -2.89 4.63 9.22
N PHE B 116 -2.22 4.51 8.09
CA PHE B 116 -2.82 4.83 6.79
C PHE B 116 -3.41 3.57 6.19
N GLN B 117 -4.72 3.40 6.34
CA GLN B 117 -5.40 2.22 5.86
C GLN B 117 -5.82 2.30 4.40
N HIS B 118 -5.89 3.50 3.83
CA HIS B 118 -6.33 3.68 2.45
C HIS B 118 -5.44 4.71 1.76
N TRP B 119 -4.95 4.36 0.59
CA TRP B 119 -4.04 5.21 -0.18
C TRP B 119 -4.62 5.51 -1.55
N GLY B 120 -4.27 6.68 -2.07
CA GLY B 120 -4.52 6.98 -3.46
C GLY B 120 -3.51 6.30 -4.36
N GLN B 121 -3.75 6.40 -5.67
CA GLN B 121 -2.84 5.79 -6.63
C GLN B 121 -1.59 6.61 -6.87
N GLY B 122 -1.52 7.83 -6.36
CA GLY B 122 -0.32 8.64 -6.50
C GLY B 122 -0.34 9.48 -7.75
N THR B 123 0.26 10.67 -7.64
CA THR B 123 0.38 11.60 -8.76
C THR B 123 1.84 11.91 -8.98
N LEU B 124 2.34 11.63 -10.18
CA LEU B 124 3.73 11.90 -10.53
C LEU B 124 3.90 13.38 -10.86
N VAL B 125 4.87 14.01 -10.20
CA VAL B 125 5.20 15.42 -10.45
C VAL B 125 6.65 15.47 -10.87
N THR B 126 6.90 15.83 -12.13
CA THR B 126 8.24 15.93 -12.67
C THR B 126 8.64 17.40 -12.76
N VAL B 127 9.68 17.78 -12.04
CA VAL B 127 10.22 19.13 -12.06
C VAL B 127 11.55 19.11 -12.79
N SER B 128 11.61 19.77 -13.94
CA SER B 128 12.80 19.76 -14.76
C SER B 128 12.75 20.93 -15.73
N SER B 129 13.94 21.42 -16.11
CA SER B 129 14.01 22.46 -17.12
C SER B 129 13.72 21.93 -18.52
N ALA B 130 13.66 20.61 -18.70
CA ALA B 130 13.36 20.04 -20.00
C ALA B 130 11.91 20.32 -20.38
N SER B 131 11.68 20.42 -21.69
CA SER B 131 10.34 20.59 -22.23
C SER B 131 9.83 19.25 -22.75
N THR B 132 8.51 19.11 -22.77
CA THR B 132 7.89 17.85 -23.19
C THR B 132 8.31 17.50 -24.61
N LYS B 133 8.77 16.26 -24.78
CA LYS B 133 9.25 15.78 -26.07
C LYS B 133 8.86 14.32 -26.24
N GLY B 134 8.42 13.97 -27.45
CA GLY B 134 8.06 12.61 -27.76
C GLY B 134 9.26 11.74 -28.06
N PRO B 135 9.10 10.42 -27.92
CA PRO B 135 10.21 9.51 -28.13
C PRO B 135 10.41 9.11 -29.59
N SER B 136 11.65 8.77 -29.91
CA SER B 136 12.00 8.12 -31.15
C SER B 136 12.19 6.64 -30.89
N VAL B 137 11.50 5.80 -31.66
CA VAL B 137 11.46 4.36 -31.43
C VAL B 137 12.32 3.68 -32.50
N PHE B 138 13.34 2.94 -32.06
CA PHE B 138 14.24 2.25 -32.96
C PHE B 138 14.20 0.75 -32.73
N PRO B 139 14.33 -0.06 -33.77
CA PRO B 139 14.23 -1.52 -33.61
C PRO B 139 15.53 -2.13 -33.12
N LEU B 140 15.40 -3.05 -32.17
CA LEU B 140 16.51 -3.89 -31.71
C LEU B 140 16.32 -5.26 -32.37
N ALA B 141 17.05 -5.48 -33.46
CA ALA B 141 16.72 -6.61 -34.31
C ALA B 141 17.56 -7.84 -33.98
N PRO B 142 16.95 -9.02 -34.08
CA PRO B 142 17.71 -10.27 -33.92
C PRO B 142 18.55 -10.57 -35.15
N SER B 143 19.52 -11.46 -34.98
CA SER B 143 20.39 -11.87 -36.07
C SER B 143 19.99 -13.25 -36.58
N GLY B 150 18.02 -21.47 -31.13
CA GLY B 150 17.09 -21.86 -30.08
C GLY B 150 16.09 -20.78 -29.75
N THR B 151 16.43 -19.95 -28.77
CA THR B 151 15.61 -18.83 -28.35
C THR B 151 16.24 -17.53 -28.83
N ALA B 152 15.41 -16.64 -29.39
CA ALA B 152 15.88 -15.37 -29.93
C ALA B 152 15.30 -14.21 -29.11
N ALA B 153 15.99 -13.08 -29.19
CA ALA B 153 15.58 -11.87 -28.50
C ALA B 153 15.47 -10.72 -29.49
N LEU B 154 14.39 -9.95 -29.36
CA LEU B 154 14.17 -8.74 -30.15
C LEU B 154 13.56 -7.69 -29.24
N GLY B 155 13.58 -6.44 -29.68
CA GLY B 155 13.05 -5.39 -28.85
C GLY B 155 13.01 -4.05 -29.55
N CYS B 156 12.65 -3.04 -28.76
CA CYS B 156 12.55 -1.66 -29.23
C CYS B 156 13.29 -0.74 -28.28
N LEU B 157 13.81 0.36 -28.83
CA LEU B 157 14.52 1.37 -28.06
C LEU B 157 13.69 2.65 -28.04
N VAL B 158 13.15 2.99 -26.88
CA VAL B 158 12.36 4.20 -26.69
C VAL B 158 13.32 5.26 -26.16
N LYS B 159 13.78 6.14 -27.04
CA LYS B 159 14.91 7.03 -26.74
C LYS B 159 14.48 8.49 -26.82
N ASP B 160 15.03 9.30 -25.90
CA ASP B 160 14.94 10.76 -25.95
C ASP B 160 13.49 11.24 -25.89
N TYR B 161 12.86 10.97 -24.75
CA TYR B 161 11.51 11.45 -24.48
C TYR B 161 11.45 12.10 -23.11
N PHE B 162 10.42 12.92 -22.91
CA PHE B 162 10.20 13.60 -21.65
C PHE B 162 8.75 14.06 -21.62
N PRO B 163 8.05 13.89 -20.50
CA PRO B 163 8.55 13.21 -19.31
C PRO B 163 8.15 11.74 -19.25
N GLU B 164 8.39 11.11 -18.11
CA GLU B 164 7.84 9.79 -17.85
C GLU B 164 6.32 9.89 -17.71
N PRO B 165 5.60 8.80 -17.96
CA PRO B 165 6.08 7.49 -18.38
C PRO B 165 5.79 7.17 -19.85
N VAL B 166 6.17 5.97 -20.27
CA VAL B 166 5.81 5.42 -21.57
C VAL B 166 5.33 3.99 -21.36
N THR B 167 4.27 3.62 -22.06
CA THR B 167 3.75 2.26 -22.03
C THR B 167 4.14 1.55 -23.32
N VAL B 168 4.68 0.34 -23.19
CA VAL B 168 5.12 -0.44 -24.33
C VAL B 168 4.39 -1.78 -24.30
N SER B 169 3.62 -2.06 -25.35
CA SER B 169 2.99 -3.35 -25.56
C SER B 169 3.57 -3.98 -26.81
N TRP B 170 3.30 -5.27 -26.97
CA TRP B 170 3.83 -6.03 -28.10
C TRP B 170 2.69 -6.73 -28.83
N ASN B 171 2.67 -6.58 -30.15
CA ASN B 171 1.64 -7.18 -31.02
C ASN B 171 0.24 -6.74 -30.59
N SER B 172 0.09 -5.42 -30.40
CA SER B 172 -1.19 -4.81 -30.07
C SER B 172 -1.80 -5.38 -28.79
N GLY B 173 -0.96 -5.88 -27.88
CA GLY B 173 -1.41 -6.39 -26.61
C GLY B 173 -1.46 -7.90 -26.51
N ALA B 174 -1.24 -8.62 -27.62
CA ALA B 174 -1.31 -10.07 -27.59
C ALA B 174 -0.09 -10.69 -26.92
N LEU B 175 1.11 -10.28 -27.35
CA LEU B 175 2.35 -10.88 -26.87
C LEU B 175 2.68 -10.32 -25.49
N THR B 176 2.63 -11.17 -24.47
CA THR B 176 2.99 -10.77 -23.11
C THR B 176 4.04 -11.67 -22.46
N SER B 177 4.18 -12.92 -22.88
CA SER B 177 5.12 -13.83 -22.26
C SER B 177 6.54 -13.55 -22.76
N GLY B 178 7.49 -13.51 -21.82
CA GLY B 178 8.87 -13.25 -22.16
C GLY B 178 9.22 -11.79 -22.38
N VAL B 179 8.31 -10.87 -22.11
CA VAL B 179 8.52 -9.45 -22.33
C VAL B 179 9.13 -8.83 -21.08
N HIS B 180 10.19 -8.03 -21.27
CA HIS B 180 10.84 -7.30 -20.19
C HIS B 180 10.96 -5.84 -20.61
N THR B 181 10.08 -5.00 -20.08
CA THR B 181 10.15 -3.55 -20.31
C THR B 181 10.97 -2.96 -19.17
N PHE B 182 12.17 -2.47 -19.50
CA PHE B 182 13.12 -2.04 -18.49
C PHE B 182 12.80 -0.66 -17.96
N PRO B 183 13.19 -0.36 -16.71
CA PRO B 183 12.99 0.98 -16.19
C PRO B 183 13.77 2.02 -16.99
N ALA B 184 13.19 3.21 -17.10
CA ALA B 184 13.84 4.29 -17.83
C ALA B 184 15.02 4.84 -17.05
N VAL B 185 15.95 5.44 -17.79
CA VAL B 185 17.11 6.11 -17.21
C VAL B 185 17.13 7.55 -17.70
N LEU B 186 17.47 8.47 -16.80
CA LEU B 186 17.54 9.89 -17.13
C LEU B 186 18.95 10.20 -17.64
N GLN B 187 19.05 10.57 -18.92
CA GLN B 187 20.33 10.93 -19.50
C GLN B 187 20.72 12.36 -19.11
N SER B 188 21.96 12.72 -19.40
CA SER B 188 22.45 14.05 -19.06
C SER B 188 21.73 15.15 -19.83
N SER B 189 21.16 14.83 -20.99
CA SER B 189 20.39 15.81 -21.75
C SER B 189 19.05 16.14 -21.11
N GLY B 190 18.69 15.49 -20.02
CA GLY B 190 17.40 15.69 -19.40
C GLY B 190 16.28 14.86 -19.99
N LEU B 191 16.58 13.97 -20.94
CA LEU B 191 15.59 13.13 -21.59
C LEU B 191 15.73 11.70 -21.10
N TYR B 192 14.62 10.97 -21.12
CA TYR B 192 14.58 9.59 -20.68
C TYR B 192 14.79 8.64 -21.86
N SER B 193 15.32 7.45 -21.55
CA SER B 193 15.49 6.39 -22.53
C SER B 193 15.11 5.06 -21.89
N LEU B 194 14.51 4.18 -22.68
CA LEU B 194 13.94 2.94 -22.17
C LEU B 194 14.03 1.87 -23.23
N SER B 195 14.17 0.62 -22.79
CA SER B 195 14.24 -0.52 -23.67
C SER B 195 13.17 -1.55 -23.30
N SER B 196 12.55 -2.14 -24.31
CA SER B 196 11.59 -3.22 -24.13
C SER B 196 12.05 -4.40 -24.99
N VAL B 197 12.16 -5.58 -24.38
CA VAL B 197 12.65 -6.76 -25.06
C VAL B 197 11.66 -7.89 -24.88
N VAL B 198 11.80 -8.93 -25.71
CA VAL B 198 10.97 -10.12 -25.61
C VAL B 198 11.75 -11.29 -26.19
N THR B 199 11.70 -12.43 -25.51
CA THR B 199 12.34 -13.66 -25.98
C THR B 199 11.32 -14.48 -26.77
N VAL B 200 11.71 -14.90 -27.97
CA VAL B 200 10.83 -15.68 -28.85
C VAL B 200 11.61 -16.85 -29.43
N PRO B 201 10.90 -17.90 -29.86
CA PRO B 201 11.59 -19.03 -30.52
C PRO B 201 12.20 -18.59 -31.84
N SER B 202 13.37 -19.15 -32.16
CA SER B 202 14.05 -18.81 -33.39
C SER B 202 13.29 -19.29 -34.62
N SER B 203 12.54 -20.39 -34.49
CA SER B 203 11.68 -20.83 -35.58
C SER B 203 10.64 -19.77 -35.92
N SER B 204 10.15 -19.06 -34.90
CA SER B 204 9.11 -18.06 -35.09
C SER B 204 9.66 -16.72 -35.56
N LEU B 205 10.98 -16.51 -35.46
CA LEU B 205 11.58 -15.31 -36.03
C LEU B 205 11.06 -15.04 -37.42
N GLY B 206 11.09 -16.05 -38.27
CA GLY B 206 10.28 -15.90 -39.48
C GLY B 206 8.81 -15.74 -39.16
N THR B 207 8.16 -16.84 -38.77
CA THR B 207 6.70 -16.99 -38.92
C THR B 207 5.92 -15.81 -38.35
N GLN B 208 6.21 -15.37 -37.12
CA GLN B 208 5.39 -14.31 -36.53
C GLN B 208 5.97 -12.93 -36.80
N THR B 209 5.08 -11.97 -37.04
CA THR B 209 5.42 -10.56 -37.13
C THR B 209 5.39 -9.96 -35.72
N TYR B 210 6.46 -9.26 -35.35
CA TYR B 210 6.60 -8.69 -34.01
C TYR B 210 6.60 -7.18 -34.12
N ILE B 211 5.61 -6.55 -33.49
CA ILE B 211 5.45 -5.09 -33.49
C ILE B 211 5.36 -4.62 -32.05
N CYS B 212 6.16 -3.64 -31.69
CA CYS B 212 6.06 -2.99 -30.39
C CYS B 212 5.23 -1.72 -30.53
N ASN B 213 4.36 -1.50 -29.56
CA ASN B 213 3.45 -0.35 -29.54
C ASN B 213 3.82 0.54 -28.37
N VAL B 214 4.34 1.72 -28.68
CA VAL B 214 4.82 2.68 -27.69
C VAL B 214 3.81 3.82 -27.59
N ASN B 215 3.42 4.15 -26.37
CA ASN B 215 2.46 5.23 -26.10
C ASN B 215 3.09 6.22 -25.14
N HIS B 216 3.23 7.47 -25.58
CA HIS B 216 3.70 8.57 -24.74
C HIS B 216 2.53 9.55 -24.62
N LYS B 217 1.67 9.31 -23.62
CA LYS B 217 0.52 10.17 -23.42
C LYS B 217 0.89 11.62 -23.09
N PRO B 218 1.94 11.91 -22.31
CA PRO B 218 2.32 13.33 -22.12
C PRO B 218 2.48 14.12 -23.41
N SER B 219 2.94 13.49 -24.49
CA SER B 219 3.14 14.18 -25.76
C SER B 219 2.11 13.78 -26.82
N ASN B 220 1.13 12.94 -26.47
CA ASN B 220 0.15 12.42 -27.42
C ASN B 220 0.85 11.80 -28.63
N THR B 221 1.84 10.97 -28.34
CA THR B 221 2.65 10.31 -29.37
C THR B 221 2.43 8.80 -29.25
N LYS B 222 1.97 8.18 -30.33
CA LYS B 222 1.81 6.73 -30.39
C LYS B 222 2.57 6.22 -31.61
N VAL B 223 3.54 5.34 -31.38
CA VAL B 223 4.39 4.80 -32.42
C VAL B 223 4.26 3.28 -32.41
N ASP B 224 4.00 2.69 -33.58
CA ASP B 224 3.97 1.24 -33.76
C ASP B 224 5.10 0.86 -34.71
N LYS B 225 6.12 0.19 -34.18
CA LYS B 225 7.32 -0.13 -34.93
C LYS B 225 7.46 -1.65 -35.02
N ARG B 226 7.72 -2.15 -36.22
CA ARG B 226 7.92 -3.58 -36.44
C ARG B 226 9.40 -3.91 -36.31
N VAL B 227 9.70 -4.96 -35.56
CA VAL B 227 11.07 -5.41 -35.32
C VAL B 227 11.28 -6.64 -36.20
N GLU B 228 11.81 -6.42 -37.39
CA GLU B 228 12.03 -7.56 -38.27
C GLU B 228 13.51 -7.93 -38.30
N PRO B 229 13.83 -9.22 -38.45
CA PRO B 229 15.22 -9.63 -38.56
C PRO B 229 15.85 -9.10 -39.85
N LYS B 230 16.99 -8.42 -39.70
CA LYS B 230 17.67 -7.83 -40.84
C LYS B 230 18.50 -8.88 -41.60
N ASP C 1 14.17 16.02 16.45
CA ASP C 1 13.11 15.34 15.69
C ASP C 1 13.26 13.82 15.79
N ILE C 2 12.14 13.13 15.88
CA ILE C 2 12.15 11.68 16.06
C ILE C 2 12.75 11.02 14.82
N GLN C 3 13.74 10.16 15.04
CA GLN C 3 14.43 9.45 13.96
C GLN C 3 14.04 7.98 14.00
N VAL C 4 13.92 7.38 12.81
CA VAL C 4 13.48 6.00 12.67
C VAL C 4 14.47 5.28 11.77
N THR C 5 15.03 4.17 12.25
CA THR C 5 15.98 3.37 11.50
C THR C 5 15.43 1.96 11.29
N GLN C 6 15.91 1.31 10.23
CA GLN C 6 15.46 -0.02 9.88
C GLN C 6 16.66 -0.90 9.54
N SER C 7 16.65 -2.14 10.06
CA SER C 7 17.70 -3.10 9.80
C SER C 7 17.05 -4.45 9.51
N PRO C 8 17.50 -5.17 8.46
CA PRO C 8 18.57 -4.74 7.56
C PRO C 8 18.08 -3.80 6.46
N SER C 9 19.01 -3.28 5.66
CA SER C 9 18.63 -2.41 4.56
C SER C 9 18.07 -3.21 3.38
N SER C 10 18.64 -4.40 3.13
CA SER C 10 18.16 -5.30 2.10
C SER C 10 18.32 -6.73 2.60
N LEU C 11 17.51 -7.63 2.06
CA LEU C 11 17.44 -8.99 2.56
C LEU C 11 17.04 -9.95 1.43
N SER C 12 17.67 -11.12 1.42
CA SER C 12 17.34 -12.18 0.48
C SER C 12 17.11 -13.46 1.25
N ALA C 13 15.95 -14.09 1.05
CA ALA C 13 15.59 -15.30 1.75
C ALA C 13 14.81 -16.22 0.82
N SER C 14 14.99 -17.53 1.02
CA SER C 14 14.31 -18.51 0.20
C SER C 14 12.82 -18.58 0.57
N VAL C 15 12.04 -19.21 -0.31
CA VAL C 15 10.61 -19.35 -0.08
C VAL C 15 10.39 -20.27 1.11
N GLY C 16 9.53 -19.83 2.04
CA GLY C 16 9.25 -20.57 3.25
C GLY C 16 10.10 -20.20 4.44
N ASP C 17 11.13 -19.37 4.25
CA ASP C 17 12.00 -18.98 5.35
C ASP C 17 11.30 -17.98 6.26
N ARG C 18 11.75 -17.93 7.51
CA ARG C 18 11.27 -16.95 8.48
C ARG C 18 12.11 -15.68 8.34
N VAL C 19 11.44 -14.56 8.11
CA VAL C 19 12.10 -13.27 7.89
C VAL C 19 11.70 -12.33 9.01
N THR C 20 12.67 -11.69 9.64
CA THR C 20 12.45 -10.73 10.72
C THR C 20 13.26 -9.49 10.44
N ILE C 21 12.58 -8.35 10.31
CA ILE C 21 13.23 -7.06 10.13
C ILE C 21 12.90 -6.18 11.33
N THR C 22 13.83 -5.30 11.67
CA THR C 22 13.72 -4.47 12.88
C THR C 22 13.54 -3.01 12.52
N CYS C 23 13.00 -2.27 13.50
CA CYS C 23 12.77 -0.83 13.37
C CYS C 23 13.04 -0.20 14.73
N GLN C 24 13.83 0.88 14.73
CA GLN C 24 14.24 1.53 15.97
C GLN C 24 13.93 3.02 15.89
N ALA C 25 13.36 3.55 16.97
CA ALA C 25 13.05 4.98 17.09
C ALA C 25 14.02 5.63 18.07
N SER C 26 14.33 6.90 17.82
CA SER C 26 15.27 7.62 18.68
C SER C 26 14.69 7.95 20.04
N GLN C 27 13.37 7.95 20.18
CA GLN C 27 12.70 8.21 21.44
C GLN C 27 11.66 7.13 21.70
N ASP C 28 11.12 7.13 22.92
CA ASP C 28 10.02 6.23 23.25
C ASP C 28 8.76 6.68 22.51
N ILE C 29 8.36 5.92 21.50
CA ILE C 29 7.16 6.23 20.75
C ILE C 29 5.99 5.33 21.16
N LYS C 30 6.10 4.69 22.33
CA LYS C 30 5.07 3.81 22.90
C LYS C 30 4.81 2.69 21.90
N ASN C 31 3.56 2.38 21.57
CA ASN C 31 3.25 1.37 20.56
C ASN C 31 2.75 1.99 19.26
N SER C 32 2.94 3.30 19.08
CA SER C 32 2.41 4.02 17.92
C SER C 32 3.38 3.88 16.74
N LEU C 33 3.47 2.65 16.25
CA LEU C 33 4.31 2.35 15.10
C LEU C 33 3.57 1.39 14.17
N ASN C 34 3.55 1.72 12.88
CA ASN C 34 2.86 0.93 11.88
C ASN C 34 3.86 0.41 10.85
N TRP C 35 3.49 -0.68 10.18
CA TRP C 35 4.31 -1.30 9.16
C TRP C 35 3.56 -1.29 7.83
N TYR C 36 4.27 -0.93 6.76
CA TYR C 36 3.69 -0.86 5.43
C TYR C 36 4.48 -1.73 4.46
N GLN C 37 3.78 -2.20 3.44
CA GLN C 37 4.38 -2.97 2.35
C GLN C 37 4.13 -2.25 1.04
N GLN C 38 5.18 -2.08 0.24
CA GLN C 38 5.08 -1.43 -1.07
C GLN C 38 5.71 -2.36 -2.11
N LYS C 39 4.87 -3.05 -2.87
CA LYS C 39 5.35 -3.83 -4.00
C LYS C 39 5.82 -2.89 -5.10
N PRO C 40 6.71 -3.35 -5.96
CA PRO C 40 7.25 -2.49 -7.02
C PRO C 40 6.15 -1.93 -7.91
N GLY C 41 6.12 -0.61 -8.06
CA GLY C 41 5.19 0.05 -8.95
C GLY C 41 3.81 0.30 -8.38
N LYS C 42 3.58 -0.02 -7.11
CA LYS C 42 2.27 0.15 -6.49
C LYS C 42 2.38 1.05 -5.27
N ALA C 43 1.22 1.44 -4.74
CA ALA C 43 1.14 2.28 -3.57
C ALA C 43 1.42 1.46 -2.30
N PRO C 44 1.81 2.11 -1.21
CA PRO C 44 2.02 1.38 0.05
C PRO C 44 0.72 0.81 0.59
N LYS C 45 0.85 -0.28 1.36
CA LYS C 45 -0.28 -0.95 1.96
C LYS C 45 0.02 -1.21 3.43
N LEU C 46 -0.92 -0.88 4.31
CA LEU C 46 -0.76 -1.09 5.74
C LEU C 46 -0.99 -2.55 6.08
N LEU C 47 -0.01 -3.16 6.76
CA LEU C 47 -0.10 -4.55 7.20
C LEU C 47 -0.28 -4.67 8.71
N ILE C 48 0.55 -3.97 9.48
CA ILE C 48 0.49 -4.01 10.94
C ILE C 48 0.33 -2.59 11.46
N SER C 49 -0.64 -2.39 12.33
CA SER C 49 -0.90 -1.09 12.94
C SER C 49 -0.72 -1.20 14.46
N ASP C 50 -0.17 -0.14 15.04
CA ASP C 50 0.09 -0.08 16.48
C ASP C 50 0.89 -1.29 16.95
N ALA C 51 1.99 -1.55 16.23
CA ALA C 51 3.02 -2.53 16.59
C ALA C 51 2.60 -3.98 16.37
N SER C 52 1.39 -4.37 16.79
CA SER C 52 1.02 -5.78 16.83
C SER C 52 -0.23 -6.15 16.05
N ASN C 53 -1.09 -5.20 15.71
CA ASN C 53 -2.41 -5.51 15.16
C ASN C 53 -2.33 -5.71 13.66
N LEU C 54 -2.71 -6.92 13.21
CA LEU C 54 -2.76 -7.23 11.80
C LEU C 54 -4.04 -6.68 11.19
N GLU C 55 -3.91 -6.04 10.02
CA GLU C 55 -5.05 -5.43 9.36
C GLU C 55 -5.86 -6.48 8.60
N THR C 56 -7.13 -6.13 8.34
CA THR C 56 -8.03 -7.04 7.65
C THR C 56 -7.56 -7.30 6.23
N GLY C 57 -7.59 -8.57 5.82
CA GLY C 57 -7.17 -8.97 4.50
C GLY C 57 -5.69 -9.29 4.37
N VAL C 58 -4.90 -8.99 5.39
CA VAL C 58 -3.46 -9.26 5.36
C VAL C 58 -3.24 -10.68 5.85
N PRO C 59 -2.39 -11.47 5.17
CA PRO C 59 -2.20 -12.87 5.58
C PRO C 59 -1.61 -12.98 6.98
N SER C 60 -1.87 -14.15 7.59
CA SER C 60 -1.46 -14.38 8.97
C SER C 60 0.04 -14.64 9.12
N ARG C 61 0.76 -14.88 8.02
CA ARG C 61 2.20 -15.05 8.11
C ARG C 61 2.90 -13.76 8.50
N PHE C 62 2.22 -12.62 8.42
CA PHE C 62 2.77 -11.34 8.82
C PHE C 62 2.43 -11.08 10.29
N SER C 63 3.41 -10.59 11.04
CA SER C 63 3.25 -10.32 12.46
C SER C 63 4.08 -9.11 12.84
N GLY C 64 3.84 -8.61 14.05
CA GLY C 64 4.56 -7.46 14.55
C GLY C 64 4.64 -7.48 16.06
N ASN C 65 5.75 -6.95 16.58
CA ASN C 65 5.95 -6.87 18.01
C ASN C 65 6.84 -5.68 18.32
N GLY C 66 6.83 -5.25 19.57
CA GLY C 66 7.67 -4.16 20.03
C GLY C 66 6.93 -3.08 20.77
N SER C 67 7.64 -2.40 21.66
CA SER C 67 7.11 -1.29 22.43
C SER C 67 8.24 -0.40 22.88
N GLY C 68 7.99 0.90 22.91
CA GLY C 68 8.99 1.86 23.32
C GLY C 68 9.85 2.35 22.16
N THR C 69 11.02 1.75 21.98
CA THR C 69 11.95 2.15 20.94
C THR C 69 12.27 1.05 19.94
N ASP C 70 12.19 -0.21 20.33
CA ASP C 70 12.57 -1.33 19.47
C ASP C 70 11.32 -2.07 19.02
N PHE C 71 11.19 -2.27 17.71
CA PHE C 71 10.03 -2.93 17.12
C PHE C 71 10.51 -3.94 16.08
N THR C 72 9.67 -4.94 15.83
CA THR C 72 10.01 -6.03 14.94
C THR C 72 8.84 -6.34 14.02
N PHE C 73 9.16 -6.80 12.81
CA PHE C 73 8.19 -7.24 11.82
C PHE C 73 8.64 -8.59 11.29
N THR C 74 7.73 -9.56 11.24
CA THR C 74 8.09 -10.94 10.93
C THR C 74 7.18 -11.50 9.86
N ILE C 75 7.79 -12.16 8.86
CA ILE C 75 7.08 -13.00 7.91
C ILE C 75 7.40 -14.45 8.28
N SER C 76 6.36 -15.20 8.66
CA SER C 76 6.58 -16.56 9.15
C SER C 76 7.11 -17.47 8.04
N SER C 77 6.55 -17.37 6.84
CA SER C 77 6.98 -18.17 5.71
C SER C 77 7.00 -17.27 4.48
N LEU C 78 8.20 -16.93 4.00
CA LEU C 78 8.33 -16.01 2.89
C LEU C 78 7.71 -16.60 1.62
N GLN C 79 6.83 -15.84 0.98
CA GLN C 79 6.17 -16.22 -0.26
C GLN C 79 6.67 -15.33 -1.39
N PRO C 80 6.61 -15.81 -2.64
CA PRO C 80 7.07 -14.97 -3.76
C PRO C 80 6.28 -13.69 -3.92
N GLU C 81 5.03 -13.67 -3.45
CA GLU C 81 4.21 -12.46 -3.50
C GLU C 81 4.62 -11.43 -2.45
N ASP C 82 5.62 -11.72 -1.62
CA ASP C 82 6.06 -10.80 -0.59
C ASP C 82 7.29 -9.99 -1.00
N ILE C 83 7.70 -10.09 -2.27
CA ILE C 83 8.78 -9.24 -2.78
C ILE C 83 8.29 -7.81 -2.74
N ALA C 84 8.90 -6.99 -1.87
CA ALA C 84 8.49 -5.61 -1.68
C ALA C 84 9.48 -4.93 -0.76
N THR C 85 9.28 -3.63 -0.57
CA THR C 85 10.01 -2.85 0.41
C THR C 85 9.08 -2.55 1.58
N TYR C 86 9.56 -2.81 2.79
CA TYR C 86 8.74 -2.70 3.99
C TYR C 86 9.20 -1.49 4.80
N TYR C 87 8.27 -0.59 5.09
CA TYR C 87 8.54 0.62 5.86
C TYR C 87 7.83 0.55 7.21
N CYS C 88 8.50 1.06 8.24
CA CYS C 88 7.84 1.35 9.51
C CYS C 88 7.59 2.85 9.61
N GLN C 89 6.63 3.21 10.47
CA GLN C 89 6.20 4.60 10.56
C GLN C 89 5.67 4.87 11.96
N GLN C 90 6.27 5.86 12.62
CA GLN C 90 5.83 6.27 13.95
C GLN C 90 4.82 7.41 13.85
N TYR C 91 3.97 7.51 14.88
CA TYR C 91 3.08 8.67 14.96
C TYR C 91 2.85 9.12 16.40
N ASP C 92 3.76 8.82 17.32
CA ASP C 92 3.66 9.34 18.68
C ASP C 92 3.73 10.87 18.68
N ASN C 93 4.57 11.44 17.83
CA ASN C 93 4.66 12.88 17.65
C ASN C 93 4.93 13.15 16.17
N LEU C 94 3.98 13.80 15.52
CA LEU C 94 4.03 14.03 14.06
C LEU C 94 4.08 12.65 13.39
N ILE C 95 4.74 12.57 12.23
CA ILE C 95 4.91 11.31 11.52
C ILE C 95 6.32 11.24 10.98
N THR C 96 6.97 10.10 11.15
CA THR C 96 8.30 9.86 10.61
C THR C 96 8.34 8.46 10.00
N PHE C 97 8.65 8.37 8.72
CA PHE C 97 8.77 7.10 8.04
C PHE C 97 10.19 6.57 8.17
N GLY C 98 10.33 5.26 8.03
CA GLY C 98 11.61 4.61 8.07
C GLY C 98 12.25 4.57 6.69
N PRO C 99 13.55 4.28 6.64
CA PRO C 99 14.23 4.19 5.33
C PRO C 99 13.76 3.01 4.50
N GLY C 100 13.23 1.98 5.11
CA GLY C 100 12.70 0.85 4.36
C GLY C 100 13.66 -0.32 4.33
N THR C 101 13.09 -1.52 4.17
CA THR C 101 13.87 -2.75 4.04
C THR C 101 13.39 -3.49 2.81
N LYS C 102 14.30 -3.69 1.85
CA LYS C 102 13.96 -4.38 0.61
C LYS C 102 14.07 -5.88 0.81
N VAL C 103 12.97 -6.60 0.61
CA VAL C 103 12.91 -8.04 0.79
C VAL C 103 12.87 -8.70 -0.59
N GLU C 104 13.78 -9.64 -0.82
CA GLU C 104 13.87 -10.35 -2.08
C GLU C 104 13.87 -11.86 -1.81
N ILE C 105 13.56 -12.62 -2.84
CA ILE C 105 13.53 -14.08 -2.75
C ILE C 105 14.89 -14.63 -3.17
N LYS C 106 15.49 -15.44 -2.29
CA LYS C 106 16.73 -16.13 -2.64
C LYS C 106 16.40 -17.34 -3.51
N ARG C 107 16.85 -17.31 -4.76
CA ARG C 107 16.58 -18.35 -5.74
C ARG C 107 17.88 -19.06 -6.08
N THR C 108 17.76 -20.24 -6.68
CA THR C 108 18.94 -20.94 -7.17
C THR C 108 19.65 -20.09 -8.22
N VAL C 109 20.97 -20.28 -8.33
CA VAL C 109 21.77 -19.50 -9.26
C VAL C 109 21.32 -19.80 -10.68
N ALA C 110 21.09 -18.74 -11.46
CA ALA C 110 20.67 -18.87 -12.86
C ALA C 110 21.54 -17.95 -13.71
N ALA C 111 22.20 -18.53 -14.71
CA ALA C 111 23.07 -17.77 -15.59
C ALA C 111 22.24 -16.96 -16.59
N PRO C 112 22.78 -15.85 -17.09
CA PRO C 112 22.03 -15.04 -18.05
C PRO C 112 22.22 -15.49 -19.50
N SER C 113 21.16 -15.31 -20.28
CA SER C 113 21.23 -15.42 -21.73
C SER C 113 21.50 -14.04 -22.30
N VAL C 114 22.61 -13.90 -23.03
CA VAL C 114 23.14 -12.60 -23.43
C VAL C 114 22.84 -12.37 -24.90
N PHE C 115 22.37 -11.17 -25.22
CA PHE C 115 22.10 -10.76 -26.59
C PHE C 115 22.64 -9.36 -26.82
N ILE C 116 23.20 -9.13 -27.99
CA ILE C 116 23.69 -7.82 -28.39
C ILE C 116 22.91 -7.36 -29.63
N PHE C 117 22.58 -6.08 -29.67
CA PHE C 117 21.79 -5.52 -30.76
C PHE C 117 22.56 -4.38 -31.43
N PRO C 118 22.79 -4.43 -32.73
CA PRO C 118 23.50 -3.34 -33.40
C PRO C 118 22.59 -2.12 -33.54
N PRO C 119 23.17 -0.94 -33.78
CA PRO C 119 22.33 0.24 -34.00
C PRO C 119 21.49 0.11 -35.25
N SER C 120 20.27 0.62 -35.19
CA SER C 120 19.38 0.58 -36.33
C SER C 120 19.80 1.59 -37.39
N ASP C 121 19.48 1.28 -38.65
CA ASP C 121 19.76 2.22 -39.73
C ASP C 121 18.98 3.51 -39.58
N GLU C 122 17.78 3.44 -38.99
CA GLU C 122 17.00 4.65 -38.77
C GLU C 122 17.69 5.59 -37.79
N GLN C 123 18.31 5.04 -36.75
CA GLN C 123 18.99 5.89 -35.78
C GLN C 123 20.33 6.40 -36.31
N LEU C 124 21.03 5.58 -37.09
CA LEU C 124 22.27 6.04 -37.71
C LEU C 124 22.03 7.21 -38.64
N LYS C 125 20.86 7.27 -39.27
CA LYS C 125 20.51 8.44 -40.09
C LYS C 125 20.34 9.69 -39.24
N SER C 126 19.98 9.52 -37.96
CA SER C 126 19.84 10.66 -37.06
C SER C 126 21.19 11.23 -36.64
N GLY C 127 22.28 10.48 -36.82
CA GLY C 127 23.59 10.91 -36.40
C GLY C 127 24.05 10.34 -35.08
N THR C 128 23.38 9.32 -34.56
CA THR C 128 23.70 8.71 -33.27
C THR C 128 23.56 7.20 -33.38
N ALA C 129 24.45 6.48 -32.70
CA ALA C 129 24.42 5.02 -32.69
C ALA C 129 24.25 4.54 -31.26
N SER C 130 23.34 3.59 -31.07
CA SER C 130 23.07 3.02 -29.75
C SER C 130 23.18 1.50 -29.84
N VAL C 131 24.16 0.94 -29.13
CA VAL C 131 24.34 -0.50 -29.03
C VAL C 131 23.75 -0.94 -27.69
N VAL C 132 22.94 -2.00 -27.72
CA VAL C 132 22.20 -2.46 -26.55
C VAL C 132 22.55 -3.91 -26.28
N CYS C 133 22.95 -4.20 -25.04
CA CYS C 133 23.21 -5.56 -24.59
C CYS C 133 22.13 -5.98 -23.59
N LEU C 134 21.67 -7.22 -23.73
CA LEU C 134 20.57 -7.73 -22.92
C LEU C 134 21.03 -8.94 -22.11
N LEU C 135 20.82 -8.89 -20.80
CA LEU C 135 21.02 -10.02 -19.90
C LEU C 135 19.65 -10.48 -19.44
N ASN C 136 19.28 -11.71 -19.78
CA ASN C 136 17.91 -12.19 -19.62
C ASN C 136 17.84 -13.27 -18.56
N ASN C 137 17.01 -13.03 -17.54
CA ASN C 137 16.59 -14.04 -16.55
C ASN C 137 17.81 -14.67 -15.86
N PHE C 138 18.39 -13.90 -14.95
CA PHE C 138 19.55 -14.34 -14.20
C PHE C 138 19.34 -14.04 -12.71
N TYR C 139 20.00 -14.85 -11.87
CA TYR C 139 20.05 -14.66 -10.43
C TYR C 139 21.37 -15.24 -9.96
N PRO C 140 22.08 -14.57 -9.03
CA PRO C 140 21.73 -13.32 -8.35
C PRO C 140 21.81 -12.08 -9.23
N ARG C 141 21.51 -10.92 -8.64
CA ARG C 141 21.39 -9.69 -9.43
C ARG C 141 22.74 -9.16 -9.88
N GLU C 142 23.81 -9.45 -9.13
CA GLU C 142 25.11 -8.86 -9.40
C GLU C 142 25.70 -9.45 -10.67
N ALA C 143 26.03 -8.59 -11.63
CA ALA C 143 26.61 -9.02 -12.89
C ALA C 143 27.42 -7.87 -13.48
N LYS C 144 28.60 -8.19 -14.01
CA LYS C 144 29.45 -7.22 -14.67
C LYS C 144 29.21 -7.25 -16.17
N VAL C 145 28.96 -6.07 -16.75
CA VAL C 145 28.72 -5.93 -18.17
C VAL C 145 29.75 -4.96 -18.72
N GLN C 146 30.68 -5.47 -19.53
CA GLN C 146 31.80 -4.70 -20.03
C GLN C 146 31.65 -4.48 -21.53
N TRP C 147 31.59 -3.23 -21.94
CA TRP C 147 31.58 -2.88 -23.37
C TRP C 147 33.01 -2.86 -23.90
N LYS C 148 33.25 -3.60 -24.97
CA LYS C 148 34.57 -3.69 -25.58
C LYS C 148 34.47 -3.32 -27.04
N VAL C 149 35.03 -2.17 -27.41
CA VAL C 149 35.04 -1.69 -28.79
C VAL C 149 36.45 -1.92 -29.33
N ASP C 150 36.58 -2.87 -30.25
CA ASP C 150 37.89 -3.33 -30.73
C ASP C 150 38.77 -3.76 -29.55
N ASN C 151 38.15 -4.47 -28.61
CA ASN C 151 38.79 -4.97 -27.39
C ASN C 151 39.28 -3.83 -26.49
N ALA C 152 38.79 -2.62 -26.70
CA ALA C 152 39.09 -1.49 -25.83
C ALA C 152 37.88 -1.23 -24.93
N LEU C 153 38.13 -1.20 -23.63
CA LEU C 153 37.05 -1.02 -22.66
C LEU C 153 36.44 0.37 -22.81
N GLN C 154 35.11 0.43 -22.84
CA GLN C 154 34.39 1.68 -23.03
C GLN C 154 33.82 2.15 -21.70
N SER C 155 34.08 3.40 -21.35
CA SER C 155 33.62 3.98 -20.10
C SER C 155 33.03 5.36 -20.35
N GLY C 156 32.09 5.74 -19.49
CA GLY C 156 31.45 7.05 -19.58
C GLY C 156 30.36 7.16 -20.62
N ASN C 157 30.12 6.11 -21.41
CA ASN C 157 29.12 6.15 -22.48
C ASN C 157 28.07 5.05 -22.33
N SER C 158 27.96 4.46 -21.14
CA SER C 158 27.06 3.34 -20.91
C SER C 158 26.03 3.69 -19.84
N GLN C 159 24.88 3.03 -19.92
CA GLN C 159 23.83 3.19 -18.92
C GLN C 159 23.13 1.86 -18.73
N GLU C 160 22.80 1.53 -17.49
CA GLU C 160 22.27 0.22 -17.13
C GLU C 160 20.90 0.37 -16.46
N SER C 161 20.03 -0.60 -16.72
CA SER C 161 18.72 -0.67 -16.09
C SER C 161 18.39 -2.12 -15.81
N VAL C 162 17.91 -2.40 -14.59
CA VAL C 162 17.57 -3.74 -14.15
C VAL C 162 16.09 -3.79 -13.84
N THR C 163 15.45 -4.89 -14.24
CA THR C 163 14.05 -5.11 -13.88
C THR C 163 13.95 -5.57 -12.43
N GLU C 164 12.74 -5.49 -11.89
CA GLU C 164 12.47 -6.08 -10.58
C GLU C 164 12.41 -7.59 -10.70
N GLN C 165 12.52 -8.26 -9.56
CA GLN C 165 12.48 -9.72 -9.55
C GLN C 165 11.16 -10.21 -10.14
N ASP C 166 11.25 -11.14 -11.09
CA ASP C 166 10.09 -11.57 -11.84
C ASP C 166 9.07 -12.27 -10.94
N SER C 167 7.81 -12.21 -11.35
CA SER C 167 6.73 -12.81 -10.57
C SER C 167 6.83 -14.33 -10.53
N LYS C 168 7.39 -14.94 -11.58
CA LYS C 168 7.37 -16.40 -11.69
C LYS C 168 8.71 -17.02 -11.29
N ASP C 169 9.76 -16.78 -12.08
CA ASP C 169 11.04 -17.43 -11.86
C ASP C 169 11.95 -16.66 -10.90
N SER C 170 11.49 -15.54 -10.34
CA SER C 170 12.26 -14.77 -9.37
C SER C 170 13.62 -14.34 -9.89
N THR C 171 13.71 -14.07 -11.19
CA THR C 171 14.97 -13.71 -11.83
C THR C 171 15.02 -12.21 -12.12
N TYR C 172 16.20 -11.75 -12.50
CA TYR C 172 16.42 -10.39 -12.93
C TYR C 172 16.79 -10.37 -14.41
N SER C 173 16.53 -9.22 -15.03
CA SER C 173 16.97 -8.97 -16.40
C SER C 173 17.59 -7.57 -16.46
N LEU C 174 18.61 -7.44 -17.29
CA LEU C 174 19.42 -6.23 -17.33
C LEU C 174 19.56 -5.73 -18.77
N SER C 175 19.47 -4.42 -18.94
CA SER C 175 19.65 -3.76 -20.23
C SER C 175 20.76 -2.73 -20.10
N SER C 176 21.80 -2.87 -20.93
CA SER C 176 22.88 -1.91 -21.01
C SER C 176 22.88 -1.28 -22.39
N THR C 177 23.03 0.05 -22.43
CA THR C 177 22.95 0.80 -23.68
C THR C 177 24.21 1.64 -23.84
N LEU C 178 24.95 1.39 -24.91
CA LEU C 178 26.14 2.18 -25.26
C LEU C 178 25.77 3.14 -26.38
N THR C 179 25.82 4.44 -26.11
CA THR C 179 25.43 5.46 -27.06
C THR C 179 26.66 6.19 -27.56
N LEU C 180 26.85 6.20 -28.88
CA LEU C 180 27.95 6.88 -29.52
C LEU C 180 27.42 7.78 -30.63
N SER C 181 28.27 8.69 -31.07
CA SER C 181 27.97 9.45 -32.28
C SER C 181 28.23 8.59 -33.50
N LYS C 182 27.58 8.94 -34.61
CA LYS C 182 27.77 8.19 -35.84
C LYS C 182 29.22 8.22 -36.29
N ALA C 183 29.91 9.34 -36.06
CA ALA C 183 31.32 9.44 -36.45
C ALA C 183 32.18 8.48 -35.62
N ASP C 184 31.97 8.46 -34.30
CA ASP C 184 32.74 7.55 -33.46
C ASP C 184 32.35 6.10 -33.68
N TYR C 185 31.13 5.87 -34.18
CA TYR C 185 30.72 4.50 -34.46
C TYR C 185 31.37 3.96 -35.72
N GLU C 186 31.67 4.83 -36.68
CA GLU C 186 32.22 4.41 -37.97
C GLU C 186 33.74 4.37 -37.99
N LYS C 187 34.41 4.75 -36.90
CA LYS C 187 35.85 4.62 -36.78
C LYS C 187 36.26 3.34 -36.05
N HIS C 188 35.31 2.45 -35.78
CA HIS C 188 35.59 1.20 -35.12
C HIS C 188 34.84 0.08 -35.82
N LYS C 189 35.24 -1.17 -35.53
CA LYS C 189 34.71 -2.34 -36.22
C LYS C 189 34.03 -3.31 -35.28
N VAL C 190 34.76 -3.91 -34.35
CA VAL C 190 34.22 -4.96 -33.48
C VAL C 190 33.60 -4.31 -32.25
N TYR C 191 32.30 -4.51 -32.07
CA TYR C 191 31.57 -4.04 -30.90
C TYR C 191 31.08 -5.26 -30.14
N ALA C 192 31.50 -5.38 -28.87
CA ALA C 192 31.28 -6.59 -28.10
C ALA C 192 30.69 -6.25 -26.72
N CYS C 193 30.03 -7.24 -26.14
CA CYS C 193 29.46 -7.15 -24.80
C CYS C 193 29.99 -8.31 -23.98
N GLU C 194 30.81 -8.02 -22.98
CA GLU C 194 31.38 -9.05 -22.11
C GLU C 194 30.63 -9.06 -20.79
N VAL C 195 30.21 -10.25 -20.37
CA VAL C 195 29.35 -10.41 -19.20
C VAL C 195 29.97 -11.42 -18.25
N THR C 196 30.11 -11.04 -16.99
CA THR C 196 30.56 -11.93 -15.93
C THR C 196 29.42 -12.14 -14.95
N HIS C 197 29.12 -13.41 -14.66
CA HIS C 197 28.06 -13.74 -13.71
C HIS C 197 28.42 -15.05 -13.02
N GLN C 198 27.98 -15.17 -11.76
CA GLN C 198 28.31 -16.33 -10.95
C GLN C 198 27.85 -17.63 -11.59
N GLY C 199 26.74 -17.60 -12.33
CA GLY C 199 26.23 -18.78 -13.01
C GLY C 199 26.95 -19.17 -14.27
N LEU C 200 27.96 -18.41 -14.68
CA LEU C 200 28.74 -18.70 -15.88
C LEU C 200 30.11 -19.22 -15.49
N SER C 201 30.54 -20.32 -16.12
CA SER C 201 31.86 -20.86 -15.85
C SER C 201 32.98 -19.94 -16.33
N SER C 202 32.66 -19.00 -17.21
CA SER C 202 33.63 -18.02 -17.71
C SER C 202 32.85 -16.87 -18.35
N PRO C 203 33.48 -15.71 -18.52
CA PRO C 203 32.78 -14.59 -19.15
C PRO C 203 32.30 -14.95 -20.55
N VAL C 204 31.11 -14.46 -20.89
CA VAL C 204 30.47 -14.70 -22.19
C VAL C 204 30.48 -13.39 -22.96
N THR C 205 30.88 -13.45 -24.23
CA THR C 205 31.00 -12.27 -25.08
C THR C 205 30.12 -12.44 -26.31
N LYS C 206 29.20 -11.50 -26.52
CA LYS C 206 28.42 -11.40 -27.74
C LYS C 206 28.89 -10.15 -28.49
N SER C 207 29.13 -10.30 -29.80
CA SER C 207 29.73 -9.23 -30.57
C SER C 207 29.13 -9.18 -31.97
N PHE C 208 29.51 -8.14 -32.70
CA PHE C 208 29.16 -7.99 -34.11
C PHE C 208 30.19 -7.08 -34.75
N ASN C 209 30.31 -7.18 -36.07
CA ASN C 209 31.18 -6.33 -36.87
C ASN C 209 30.32 -5.31 -37.61
N ARG C 210 30.74 -4.05 -37.59
CA ARG C 210 29.97 -2.98 -38.20
C ARG C 210 29.82 -3.18 -39.71
C1 NAG D . -20.63 -3.53 37.99
C2 NAG D . -20.89 -2.05 38.32
C3 NAG D . -19.71 -1.45 39.09
C4 NAG D . -19.36 -2.30 40.30
C5 NAG D . -19.09 -3.74 39.84
C6 NAG D . -18.80 -4.70 40.97
C7 NAG D . -22.22 -0.52 36.94
C8 NAG D . -22.33 0.19 35.62
N2 NAG D . -21.15 -1.29 37.11
O3 NAG D . -20.04 -0.13 39.51
O4 NAG D . -18.20 -1.78 40.95
O5 NAG D . -20.26 -4.24 39.18
O6 NAG D . -19.97 -4.89 41.75
O7 NAG D . -23.08 -0.40 37.80
C1 NAG D . -18.44 -1.60 42.37
C2 NAG D . -17.09 -1.62 43.08
C3 NAG D . -17.26 -1.34 44.58
C4 NAG D . -18.11 -0.09 44.81
C5 NAG D . -19.41 -0.20 44.04
C6 NAG D . -20.28 1.03 44.16
C7 NAG D . -15.47 -3.09 41.96
C8 NAG D . -14.89 -4.47 41.90
N2 NAG D . -16.42 -2.90 42.88
O3 NAG D . -15.97 -1.15 45.17
O4 NAG D . -18.39 0.05 46.20
O5 NAG D . -19.13 -0.38 42.65
O6 NAG D . -19.99 1.75 45.35
O7 NAG D . -15.09 -2.20 41.21
C1 FUC D . -19.65 -5.68 42.91
C2 FUC D . -20.71 -5.33 43.96
C3 FUC D . -22.09 -5.68 43.41
C4 FUC D . -22.15 -7.17 43.02
C5 FUC D . -20.97 -7.51 42.09
C6 FUC D . -20.81 -9.01 41.85
O2 FUC D . -20.65 -3.95 44.34
O3 FUC D . -23.09 -5.44 44.40
O4 FUC D . -22.09 -7.97 44.19
O5 FUC D . -19.71 -7.04 42.61
#